data_3W38
#
_entry.id   3W38
#
_cell.length_a   83.534
_cell.length_b   95.463
_cell.length_c   107.651
_cell.angle_alpha   90.00
_cell.angle_beta   90.00
_cell.angle_gamma   90.00
#
_symmetry.space_group_name_H-M   'P 21 21 21'
#
loop_
_entity.id
_entity.type
_entity.pdbx_description
1 polymer Alpha-glucosidase
2 branched alpha-L-fucopyranose-(1-3)-[2-acetamido-2-deoxy-beta-D-glucopyranose-(1-4)]2-acetamido-2-deoxy-beta-D-glucopyranose
3 non-polymer 2-acetamido-2-deoxy-beta-D-glucopyranose
4 non-polymer 'SULFATE ION'
5 water water
#
_entity_poly.entity_id   1
_entity_poly.type   'polypeptide(L)'
_entity_poly.pdbx_seq_one_letter_code
;MERSKLPRYICATLAVVLPLVLCMVVEGATTSKNDNQGEAIGYGYQVKNAKVDNSTGKSLTALLQLIRNSPVYGPDIQFL
SFTASFEEDDTLRIRITDANNRRWEIPNEVLPRPPPPPSPPPLSSLQHLPKPIPQNQPTTTVLSHPHSDLVFTLFHTTPF
GFTIYRKSTHDVLFDATPIPSNPTTFLIYKDQYLQLSSSLPAQQAHLYGLGEHTKPTFQLAHNQILTLWNADIASFNRDL
NLYGSHPFYMDVRSSPMVGSTHGVFLLNSNGMDVEYTGDRITYKVIGGIIDLYIFAGRTPEMVLDQYTKLIGRPAPMPYW
AFGFHQCRWGYRDVNEIETVVDKYAEARIPLEVMWTDIDYMDAFKDFTLDPVHFPLDKMQQFVTKLHRNGQRYVPILDPG
INTNKSYGTFIRGMQSNVFIKRDGNPYLGSVWPGPVYYPDFLDPAARSFWVDEIKRFRDILPIDGIWIDMNEASNFITSA
PTPGSTLDNPPYKINNSGGRVPINSKTIPATAMHYGNVTEYNAHNLYGFLESQATREALVRTSNERPFLLSRSTFAGSGK
YTAHWTGDNAARWDDLQYSIPTMLNFGLFGMPMIGADICGFAESTTEELCRRWIQLGAFYPFSRDHSARDTTHQELYLWE
SVAASARTVLGLRYQLLPYYYTLMYDANLRGIPIARPLFFTFPDDVATYGISSQFLIGRGIMVSPVLQPGAVSVNAYFPR
GNWFSLFNYTSSVSVSAGTYVSLSAPPDHINVHIHEGNIVAMQGEAMTTQAARSTPFHLLVVMSDHVASTGELFLDNGIE
MDIGGPGGKWTLVRFFAESGINNLTISSEVVNRGYAMSQRWVMDKITILGLKRRVRIKEYTVQKDAGAIKIKGLGLRTSS
HNQGGFVVSVISDLRQLVGQAFKLELEFEGATR
;
_entity_poly.pdbx_strand_id   A
#
loop_
_chem_comp.id
_chem_comp.type
_chem_comp.name
_chem_comp.formula
FUC L-saccharide, alpha linking alpha-L-fucopyranose 'C6 H12 O5'
NAG D-saccharide, beta linking 2-acetamido-2-deoxy-beta-D-glucopyranose 'C8 H15 N O6'
SO4 non-polymer 'SULFATE ION' 'O4 S -2'
#
# COMPACT_ATOMS: atom_id res chain seq x y z
N GLU A 39 -34.68 5.61 -24.01
CA GLU A 39 -34.84 4.26 -23.40
C GLU A 39 -34.24 4.20 -22.00
N ALA A 40 -34.62 3.15 -21.29
CA ALA A 40 -33.96 2.74 -20.07
C ALA A 40 -32.55 2.20 -20.37
N ILE A 41 -31.63 2.45 -19.45
CA ILE A 41 -30.24 1.98 -19.56
C ILE A 41 -30.16 0.46 -19.73
N GLY A 42 -31.02 -0.24 -19.02
CA GLY A 42 -31.11 -1.70 -19.13
C GLY A 42 -32.36 -2.22 -18.46
N TYR A 43 -32.72 -3.49 -18.69
CA TYR A 43 -33.96 -4.06 -18.09
C TYR A 43 -33.68 -5.16 -17.10
N GLY A 44 -32.42 -5.60 -17.07
CA GLY A 44 -31.95 -6.52 -16.04
C GLY A 44 -32.21 -7.97 -16.34
N TYR A 45 -32.06 -8.83 -15.35
CA TYR A 45 -32.10 -10.28 -15.55
C TYR A 45 -33.13 -10.97 -14.64
N GLN A 46 -33.65 -12.09 -15.12
CA GLN A 46 -34.44 -13.02 -14.30
C GLN A 46 -33.68 -14.31 -14.03
N VAL A 47 -34.01 -14.98 -12.93
CA VAL A 47 -33.37 -16.27 -12.68
C VAL A 47 -34.08 -17.35 -13.49
N LYS A 48 -33.35 -18.01 -14.38
CA LYS A 48 -33.94 -19.08 -15.22
C LYS A 48 -33.98 -20.39 -14.44
N ASN A 49 -32.85 -20.71 -13.81
CA ASN A 49 -32.78 -21.80 -12.82
C ASN A 49 -31.67 -21.58 -11.78
N ALA A 50 -31.74 -22.36 -10.70
CA ALA A 50 -30.75 -22.23 -9.61
C ALA A 50 -30.68 -23.43 -8.68
N LYS A 51 -29.46 -23.87 -8.38
CA LYS A 51 -29.27 -25.00 -7.51
C LYS A 51 -28.06 -24.92 -6.59
N VAL A 52 -28.17 -25.50 -5.41
CA VAL A 52 -27.04 -25.60 -4.51
C VAL A 52 -26.16 -26.80 -4.91
N ASP A 53 -24.96 -26.50 -5.38
CA ASP A 53 -24.07 -27.48 -6.02
C ASP A 53 -23.87 -28.69 -5.14
N ASN A 54 -23.65 -28.46 -3.86
CA ASN A 54 -23.57 -29.56 -2.92
C ASN A 54 -22.30 -30.41 -3.06
N SER A 55 -22.41 -31.62 -2.50
CA SER A 55 -21.28 -32.48 -2.25
C SER A 55 -20.53 -32.02 -1.01
N THR A 56 -19.41 -32.67 -0.71
CA THR A 56 -18.59 -32.34 0.46
C THR A 56 -18.52 -30.82 0.67
N GLY A 57 -18.36 -30.08 -0.43
CA GLY A 57 -18.28 -28.61 -0.40
C GLY A 57 -19.43 -27.89 -1.10
N LYS A 58 -20.20 -27.13 -0.32
CA LYS A 58 -21.38 -26.44 -0.85
C LYS A 58 -21.01 -25.34 -1.85
N SER A 59 -21.80 -25.25 -2.91
CA SER A 59 -21.70 -24.16 -3.89
C SER A 59 -23.08 -23.81 -4.47
N LEU A 60 -23.20 -22.64 -5.09
CA LEU A 60 -24.46 -22.20 -5.68
C LEU A 60 -24.30 -21.80 -7.14
N THR A 61 -24.98 -22.52 -7.99
CA THR A 61 -24.97 -22.26 -9.42
C THR A 61 -26.32 -21.80 -9.91
N ALA A 62 -26.33 -20.72 -10.68
CA ALA A 62 -27.55 -20.28 -11.32
C ALA A 62 -27.35 -19.85 -12.76
N LEU A 63 -28.43 -19.91 -13.52
CA LEU A 63 -28.45 -19.42 -14.89
C LEU A 63 -29.40 -18.25 -15.00
N LEU A 64 -28.89 -17.13 -15.49
CA LEU A 64 -29.70 -15.90 -15.60
C LEU A 64 -29.97 -15.52 -17.04
N GLN A 65 -31.16 -14.97 -17.28
CA GLN A 65 -31.61 -14.60 -18.61
C GLN A 65 -32.04 -13.15 -18.70
N LEU A 66 -31.53 -12.50 -19.74
CA LEU A 66 -31.85 -11.11 -20.01
C LEU A 66 -33.35 -10.94 -20.20
N ILE A 67 -33.89 -9.96 -19.49
CA ILE A 67 -35.32 -9.67 -19.58
C ILE A 67 -35.62 -9.06 -20.95
N ARG A 68 -34.79 -8.09 -21.36
CA ARG A 68 -35.00 -7.35 -22.61
C ARG A 68 -33.75 -6.56 -23.02
N ASN A 69 -33.47 -6.50 -24.32
CA ASN A 69 -32.31 -5.76 -24.82
C ASN A 69 -32.49 -4.27 -24.79
N SER A 70 -31.39 -3.54 -24.71
CA SER A 70 -31.40 -2.08 -24.75
C SER A 70 -30.27 -1.45 -25.59
N PRO A 71 -30.60 -0.44 -26.42
CA PRO A 71 -29.60 0.19 -27.29
C PRO A 71 -28.52 0.97 -26.55
N VAL A 72 -28.80 1.33 -25.31
CA VAL A 72 -27.83 2.11 -24.56
C VAL A 72 -26.68 1.22 -24.07
N TYR A 73 -25.48 1.76 -24.27
CA TYR A 73 -24.20 1.18 -23.83
C TYR A 73 -23.79 -0.14 -24.47
N GLY A 74 -24.47 -0.53 -25.53
CA GLY A 74 -24.02 -1.66 -26.33
C GLY A 74 -24.77 -2.94 -26.05
N PRO A 75 -24.32 -4.04 -26.65
CA PRO A 75 -25.03 -5.32 -26.61
C PRO A 75 -25.06 -5.95 -25.22
N ASP A 76 -26.28 -6.22 -24.77
CA ASP A 76 -26.49 -6.94 -23.54
C ASP A 76 -26.07 -8.39 -23.69
N ILE A 77 -25.38 -8.94 -22.69
CA ILE A 77 -25.14 -10.38 -22.62
C ILE A 77 -26.44 -11.09 -22.26
N GLN A 78 -26.88 -12.00 -23.12
CA GLN A 78 -28.23 -12.52 -23.00
C GLN A 78 -28.37 -13.57 -21.90
N PHE A 79 -27.35 -14.43 -21.78
CA PHE A 79 -27.32 -15.46 -20.73
C PHE A 79 -26.08 -15.40 -19.84
N LEU A 80 -26.34 -15.37 -18.54
CA LEU A 80 -25.29 -15.28 -17.55
C LEU A 80 -25.21 -16.51 -16.66
N SER A 81 -24.00 -17.01 -16.52
CA SER A 81 -23.70 -17.97 -15.50
C SER A 81 -23.40 -17.21 -14.20
N PHE A 82 -24.05 -17.64 -13.11
CA PHE A 82 -23.94 -16.99 -11.80
C PHE A 82 -23.54 -18.00 -10.77
N THR A 83 -22.40 -17.80 -10.14
CA THR A 83 -21.98 -18.68 -9.06
C THR A 83 -21.62 -17.92 -7.81
N ALA A 84 -22.08 -18.48 -6.69
CA ALA A 84 -21.67 -18.05 -5.37
C ALA A 84 -21.00 -19.22 -4.71
N SER A 85 -19.82 -18.99 -4.15
CA SER A 85 -19.04 -20.06 -3.50
C SER A 85 -18.13 -19.57 -2.37
N PHE A 86 -17.83 -20.45 -1.41
CA PHE A 86 -16.97 -20.09 -0.31
C PHE A 86 -15.59 -20.60 -0.61
N GLU A 87 -14.61 -19.72 -0.53
CA GLU A 87 -13.22 -20.11 -0.73
C GLU A 87 -12.58 -20.48 0.56
N GLU A 88 -12.73 -19.62 1.55
CA GLU A 88 -12.54 -20.02 2.94
C GLU A 88 -13.87 -19.88 3.69
N ASP A 89 -13.89 -20.20 4.98
CA ASP A 89 -15.05 -19.93 5.83
C ASP A 89 -15.41 -18.44 5.84
N ASP A 90 -14.37 -17.63 5.74
CA ASP A 90 -14.46 -16.19 5.94
C ASP A 90 -14.48 -15.38 4.64
N THR A 91 -14.60 -16.08 3.51
CA THR A 91 -14.61 -15.45 2.19
C THR A 91 -15.63 -16.07 1.26
N LEU A 92 -16.51 -15.22 0.76
CA LEU A 92 -17.53 -15.62 -0.19
C LEU A 92 -17.27 -14.98 -1.55
N ARG A 93 -17.32 -15.82 -2.58
CA ARG A 93 -17.00 -15.41 -3.95
C ARG A 93 -18.23 -15.40 -4.85
N ILE A 94 -18.49 -14.24 -5.45
CA ILE A 94 -19.54 -14.14 -6.44
C ILE A 94 -19.00 -13.86 -7.84
N ARG A 95 -19.23 -14.82 -8.72
CA ARG A 95 -18.71 -14.78 -10.05
C ARG A 95 -19.82 -14.82 -11.07
N ILE A 96 -19.81 -13.79 -11.92
CA ILE A 96 -20.83 -13.66 -12.93
C ILE A 96 -20.20 -13.49 -14.29
N THR A 97 -20.48 -14.48 -15.13
CA THR A 97 -19.88 -14.60 -16.45
C THR A 97 -20.91 -14.82 -17.55
N ASP A 98 -20.50 -14.57 -18.78
CA ASP A 98 -21.28 -14.90 -19.96
C ASP A 98 -21.32 -16.43 -20.07
N ALA A 99 -22.55 -16.96 -20.04
CA ALA A 99 -22.84 -18.41 -20.07
C ALA A 99 -22.33 -19.10 -21.32
N ASN A 100 -22.24 -18.33 -22.39
CA ASN A 100 -21.93 -18.85 -23.72
C ASN A 100 -20.58 -18.45 -24.25
N ASN A 101 -19.92 -17.53 -23.56
CA ASN A 101 -18.59 -17.05 -23.99
C ASN A 101 -17.65 -16.72 -22.85
N ARG A 102 -16.44 -17.24 -22.94
CA ARG A 102 -15.40 -16.83 -22.03
C ARG A 102 -15.13 -15.38 -22.31
N ARG A 103 -14.96 -14.63 -21.24
CA ARG A 103 -14.63 -13.21 -21.31
C ARG A 103 -13.31 -12.96 -20.61
N TRP A 104 -12.85 -11.74 -20.71
CA TRP A 104 -11.58 -11.37 -20.12
C TRP A 104 -11.58 -11.51 -18.61
N GLU A 105 -10.58 -12.21 -18.14
CA GLU A 105 -10.25 -12.30 -16.72
C GLU A 105 -8.76 -12.10 -16.48
N ILE A 106 -8.46 -11.52 -15.33
CA ILE A 106 -7.09 -11.34 -14.91
C ILE A 106 -6.46 -12.72 -14.89
N PRO A 107 -5.38 -12.89 -15.64
CA PRO A 107 -4.83 -14.23 -15.76
C PRO A 107 -4.42 -14.78 -14.41
N ASN A 108 -4.66 -16.07 -14.24
CA ASN A 108 -4.30 -16.73 -12.99
C ASN A 108 -2.80 -16.66 -12.68
N GLU A 109 -2.01 -16.61 -13.74
CA GLU A 109 -0.56 -16.50 -13.64
C GLU A 109 -0.12 -15.17 -13.05
N VAL A 110 -0.94 -14.16 -13.27
CA VAL A 110 -0.64 -12.79 -12.87
C VAL A 110 -1.06 -12.59 -11.44
N LEU A 111 -2.17 -13.22 -11.11
CA LEU A 111 -2.77 -13.17 -9.77
C LEU A 111 -3.40 -14.54 -9.42
N PRO A 112 -2.54 -15.48 -9.00
CA PRO A 112 -3.02 -16.81 -8.73
C PRO A 112 -4.03 -16.80 -7.65
N ARG A 113 -5.03 -17.65 -7.85
CA ARG A 113 -6.14 -17.78 -6.93
C ARG A 113 -6.93 -19.03 -7.21
N PRO A 114 -7.70 -19.48 -6.21
CA PRO A 114 -8.53 -20.66 -6.41
C PRO A 114 -9.45 -20.54 -7.60
N PRO A 115 -9.57 -21.62 -8.35
CA PRO A 115 -10.38 -21.60 -9.58
C PRO A 115 -11.87 -21.51 -9.28
N PRO A 116 -12.68 -21.14 -10.30
CA PRO A 116 -14.12 -21.05 -10.08
C PRO A 116 -14.70 -22.40 -9.78
N PRO A 117 -15.87 -22.43 -9.18
CA PRO A 117 -16.46 -23.71 -8.89
C PRO A 117 -16.92 -24.40 -10.17
N PRO A 118 -16.98 -25.74 -10.14
CA PRO A 118 -17.40 -26.50 -11.33
C PRO A 118 -18.91 -26.53 -11.47
N PRO A 138 -40.45 -13.30 -3.15
CA PRO A 138 -41.00 -14.54 -3.62
C PRO A 138 -40.02 -15.69 -3.38
N THR A 139 -39.66 -16.42 -4.44
CA THR A 139 -38.76 -17.54 -4.31
C THR A 139 -37.35 -17.05 -4.07
N THR A 140 -36.62 -17.79 -3.25
CA THR A 140 -35.20 -17.53 -3.01
C THR A 140 -34.35 -18.78 -2.98
N THR A 141 -33.06 -18.60 -3.25
CA THR A 141 -32.09 -19.65 -3.07
C THR A 141 -30.99 -19.22 -2.10
N VAL A 142 -30.87 -19.95 -1.00
CA VAL A 142 -29.94 -19.63 0.07
C VAL A 142 -28.75 -20.59 0.06
N LEU A 143 -27.59 -19.98 0.27
CA LEU A 143 -26.33 -20.68 0.41
C LEU A 143 -25.68 -20.30 1.73
N SER A 144 -25.36 -21.31 2.54
CA SER A 144 -24.63 -21.08 3.79
C SER A 144 -23.96 -22.34 4.32
N HIS A 145 -22.73 -22.18 4.79
CA HIS A 145 -21.96 -23.24 5.44
C HIS A 145 -22.17 -23.17 6.95
N PRO A 146 -21.79 -24.24 7.69
CA PRO A 146 -21.97 -24.22 9.15
C PRO A 146 -20.92 -23.38 9.89
N HIS A 147 -19.72 -23.29 9.30
CA HIS A 147 -18.61 -22.61 9.94
C HIS A 147 -18.36 -21.20 9.40
N SER A 148 -19.32 -20.69 8.63
CA SER A 148 -19.20 -19.36 8.05
C SER A 148 -20.24 -18.39 8.59
N ASP A 149 -19.81 -17.17 8.88
CA ASP A 149 -20.71 -16.12 9.34
C ASP A 149 -21.50 -15.52 8.18
N LEU A 150 -20.98 -15.67 6.96
CA LEU A 150 -21.64 -15.13 5.76
C LEU A 150 -22.76 -16.02 5.18
N VAL A 151 -23.91 -15.40 4.98
CA VAL A 151 -25.02 -16.04 4.32
C VAL A 151 -25.40 -15.35 3.01
N PHE A 152 -25.41 -16.14 1.93
CA PHE A 152 -25.77 -15.66 0.61
C PHE A 152 -27.22 -16.03 0.22
N THR A 153 -27.92 -15.03 -0.31
CA THR A 153 -29.28 -15.25 -0.82
C THR A 153 -29.51 -14.70 -2.24
N LEU A 154 -30.07 -15.56 -3.07
CA LEU A 154 -30.50 -15.19 -4.42
C LEU A 154 -32.03 -15.01 -4.47
N PHE A 155 -32.45 -13.81 -4.86
CA PHE A 155 -33.87 -13.45 -4.93
C PHE A 155 -34.44 -13.52 -6.35
N HIS A 156 -35.39 -14.44 -6.56
CA HIS A 156 -35.96 -14.67 -7.90
C HIS A 156 -37.04 -13.65 -8.19
N THR A 157 -36.69 -12.39 -8.01
CA THR A 157 -37.57 -11.30 -8.37
C THR A 157 -37.37 -10.98 -9.82
N THR A 158 -38.14 -10.00 -10.30
CA THR A 158 -38.07 -9.54 -11.68
C THR A 158 -37.88 -8.00 -11.76
N PRO A 159 -36.64 -7.55 -11.95
CA PRO A 159 -35.41 -8.31 -12.14
C PRO A 159 -34.93 -8.90 -10.86
N PHE A 160 -33.94 -9.78 -10.99
CA PHE A 160 -33.45 -10.54 -9.85
C PHE A 160 -32.56 -9.73 -8.93
N GLY A 161 -32.31 -10.34 -7.78
CA GLY A 161 -31.54 -9.73 -6.73
C GLY A 161 -30.71 -10.71 -5.92
N PHE A 162 -29.72 -10.18 -5.19
CA PHE A 162 -28.96 -10.98 -4.24
C PHE A 162 -28.43 -10.14 -3.10
N THR A 163 -28.22 -10.84 -1.97
CA THR A 163 -27.71 -10.23 -0.77
C THR A 163 -26.73 -11.13 -0.04
N ILE A 164 -25.86 -10.48 0.72
CA ILE A 164 -25.02 -11.14 1.71
C ILE A 164 -25.22 -10.50 3.07
N TYR A 165 -25.64 -11.32 4.05
CA TYR A 165 -25.77 -10.86 5.40
C TYR A 165 -25.01 -11.75 6.42
N ARG A 166 -24.82 -11.22 7.64
CA ARG A 166 -24.14 -11.95 8.74
C ARG A 166 -25.10 -12.89 9.45
N LYS A 167 -24.72 -14.16 9.49
CA LYS A 167 -25.55 -15.19 10.12
C LYS A 167 -25.93 -14.79 11.53
N SER A 168 -24.93 -14.22 12.23
CA SER A 168 -25.01 -13.91 13.65
C SER A 168 -25.89 -12.70 13.95
N THR A 169 -25.53 -11.55 13.39
CA THR A 169 -26.24 -10.28 13.68
C THR A 169 -27.27 -9.92 12.61
N HIS A 170 -27.27 -10.71 11.54
CA HIS A 170 -28.15 -10.48 10.41
C HIS A 170 -27.86 -9.16 9.69
N ASP A 171 -26.80 -8.48 10.13
CA ASP A 171 -26.40 -7.24 9.51
C ASP A 171 -26.10 -7.46 8.01
N VAL A 172 -26.89 -6.81 7.16
CA VAL A 172 -26.68 -6.90 5.70
C VAL A 172 -25.39 -6.19 5.25
N LEU A 173 -24.47 -6.94 4.67
CA LEU A 173 -23.17 -6.41 4.23
C LEU A 173 -23.18 -5.83 2.80
N PHE A 174 -23.82 -6.58 1.90
CA PHE A 174 -23.95 -6.22 0.48
C PHE A 174 -25.36 -6.55 -0.01
N ASP A 175 -26.06 -5.55 -0.53
CA ASP A 175 -27.47 -5.67 -0.86
C ASP A 175 -27.73 -5.25 -2.28
N ALA A 176 -27.63 -6.21 -3.19
CA ALA A 176 -27.85 -5.99 -4.61
C ALA A 176 -29.28 -6.39 -5.03
N THR A 177 -30.25 -6.10 -4.17
CA THR A 177 -31.67 -6.24 -4.53
C THR A 177 -32.07 -5.00 -5.28
N PRO A 178 -32.71 -5.17 -6.44
CA PRO A 178 -33.03 -3.99 -7.19
C PRO A 178 -34.29 -3.31 -6.71
N ILE A 179 -34.30 -2.01 -6.93
CA ILE A 179 -35.49 -1.19 -6.78
C ILE A 179 -36.19 -1.22 -8.14
N PRO A 180 -37.31 -1.97 -8.25
CA PRO A 180 -37.90 -2.38 -9.52
C PRO A 180 -38.06 -1.28 -10.51
N SER A 181 -38.36 -0.08 -10.02
CA SER A 181 -38.60 1.08 -10.89
C SER A 181 -37.34 1.81 -11.31
N ASN A 182 -36.20 1.35 -10.80
CA ASN A 182 -34.92 2.08 -10.93
C ASN A 182 -33.76 1.24 -11.50
N PRO A 183 -33.54 1.32 -12.81
CA PRO A 183 -32.55 0.51 -13.48
C PRO A 183 -31.12 0.83 -13.08
N THR A 184 -30.87 1.98 -12.46
CA THR A 184 -29.52 2.26 -11.94
C THR A 184 -29.15 1.32 -10.79
N THR A 185 -30.13 0.58 -10.28
CA THR A 185 -29.92 -0.38 -9.18
C THR A 185 -29.82 -1.78 -9.67
N PHE A 186 -29.93 -1.95 -10.99
CA PHE A 186 -30.03 -3.26 -11.59
C PHE A 186 -28.65 -3.82 -11.83
N LEU A 187 -28.59 -5.14 -11.91
CA LEU A 187 -27.46 -5.75 -12.55
C LEU A 187 -27.65 -5.61 -14.05
N ILE A 188 -26.71 -4.91 -14.66
CA ILE A 188 -26.65 -4.77 -16.11
C ILE A 188 -25.31 -5.31 -16.61
N TYR A 189 -25.36 -6.13 -17.67
CA TYR A 189 -24.17 -6.84 -18.09
C TYR A 189 -24.00 -6.81 -19.62
N LYS A 190 -23.27 -5.80 -20.07
CA LYS A 190 -23.03 -5.61 -21.51
C LYS A 190 -21.56 -5.83 -21.83
N ASP A 191 -21.20 -6.08 -23.08
CA ASP A 191 -19.80 -6.36 -23.40
C ASP A 191 -18.83 -5.30 -22.84
N GLN A 192 -19.21 -4.03 -22.90
CA GLN A 192 -18.37 -2.92 -22.36
C GLN A 192 -19.07 -2.07 -21.30
N TYR A 193 -20.10 -2.65 -20.69
CA TYR A 193 -20.77 -2.02 -19.56
C TYR A 193 -21.33 -3.03 -18.57
N LEU A 194 -20.57 -3.21 -17.49
CA LEU A 194 -21.00 -3.95 -16.32
C LEU A 194 -21.47 -3.02 -15.22
N GLN A 195 -22.71 -3.19 -14.80
CA GLN A 195 -23.25 -2.45 -13.68
C GLN A 195 -23.70 -3.35 -12.53
N LEU A 196 -23.12 -3.08 -11.38
CA LEU A 196 -23.41 -3.79 -10.17
C LEU A 196 -23.61 -2.78 -9.05
N SER A 197 -24.73 -2.93 -8.34
CA SER A 197 -25.11 -1.98 -7.27
C SER A 197 -25.57 -2.62 -5.95
N SER A 198 -25.11 -2.03 -4.86
CA SER A 198 -25.54 -2.39 -3.52
C SER A 198 -26.05 -1.18 -2.70
N SER A 199 -27.13 -1.43 -1.99
CA SER A 199 -27.59 -0.46 -1.01
C SER A 199 -26.70 -0.51 0.21
N LEU A 200 -26.71 0.57 0.98
CA LEU A 200 -25.92 0.70 2.23
C LEU A 200 -26.69 1.44 3.33
N PRO A 201 -26.48 1.06 4.60
CA PRO A 201 -26.96 1.90 5.71
C PRO A 201 -26.14 3.17 5.83
N ALA A 202 -26.76 4.25 5.40
CA ALA A 202 -26.03 5.48 5.06
C ALA A 202 -25.10 5.96 6.16
N GLN A 203 -25.59 6.02 7.38
CA GLN A 203 -24.80 6.64 8.46
C GLN A 203 -23.91 5.64 9.14
N GLN A 204 -24.30 4.37 9.05
CA GLN A 204 -23.63 3.26 9.76
C GLN A 204 -22.45 2.65 9.00
N ALA A 205 -22.51 2.75 7.68
CA ALA A 205 -21.47 2.25 6.81
C ALA A 205 -20.37 3.29 6.60
N HIS A 206 -19.18 2.92 7.06
CA HIS A 206 -17.98 3.77 6.88
C HIS A 206 -17.03 3.09 5.95
N LEU A 207 -16.80 3.73 4.81
CA LEU A 207 -16.08 3.11 3.70
C LEU A 207 -14.72 3.73 3.45
N TYR A 208 -13.79 2.83 3.15
CA TYR A 208 -12.39 3.19 2.87
C TYR A 208 -11.86 2.43 1.69
N GLY A 209 -11.16 3.13 0.82
CA GLY A 209 -10.36 2.49 -0.22
C GLY A 209 -10.67 2.94 -1.63
N LEU A 210 -10.90 1.99 -2.52
CA LEU A 210 -11.16 2.30 -3.93
C LEU A 210 -10.14 3.28 -4.52
N GLY A 211 -8.87 2.89 -4.42
CA GLY A 211 -7.75 3.74 -4.85
C GLY A 211 -7.56 3.70 -6.35
N GLU A 212 -6.68 4.53 -6.92
CA GLU A 212 -5.80 5.48 -6.20
C GLU A 212 -6.27 6.93 -6.44
N HIS A 213 -6.64 7.61 -5.35
CA HIS A 213 -7.07 9.00 -5.42
C HIS A 213 -6.63 9.84 -4.27
N THR A 214 -6.25 11.07 -4.56
CA THR A 214 -5.93 12.03 -3.50
C THR A 214 -7.22 12.63 -2.92
N LYS A 215 -7.41 12.48 -1.61
CA LYS A 215 -8.55 13.03 -0.89
C LYS A 215 -8.19 13.61 0.48
N PRO A 216 -8.88 14.67 0.91
CA PRO A 216 -8.53 15.20 2.23
C PRO A 216 -8.98 14.29 3.37
N THR A 217 -9.89 13.37 3.05
CA THR A 217 -10.38 12.41 4.06
C THR A 217 -10.01 10.99 3.71
N PHE A 218 -9.71 10.23 4.77
CA PHE A 218 -9.42 8.79 4.64
C PHE A 218 -10.75 8.12 4.40
N GLN A 219 -11.70 8.32 5.30
CA GLN A 219 -13.05 7.83 5.08
C GLN A 219 -13.64 8.53 3.84
N LEU A 220 -14.15 7.70 2.94
CA LEU A 220 -14.81 8.18 1.74
C LEU A 220 -16.02 9.05 2.00
N ALA A 221 -15.93 10.30 1.56
CA ALA A 221 -17.08 11.20 1.54
C ALA A 221 -18.22 10.64 0.73
N HIS A 222 -19.40 10.99 1.17
CA HIS A 222 -20.60 10.67 0.44
C HIS A 222 -20.68 11.49 -0.84
N ASN A 223 -21.37 10.90 -1.82
CA ASN A 223 -21.74 11.56 -3.05
C ASN A 223 -20.56 11.99 -3.91
N GLN A 224 -19.89 10.95 -4.40
CA GLN A 224 -18.80 11.09 -5.38
C GLN A 224 -18.72 9.91 -6.32
N ILE A 225 -17.95 10.10 -7.38
CA ILE A 225 -17.61 9.04 -8.31
C ILE A 225 -16.13 8.87 -8.30
N LEU A 226 -15.72 7.65 -7.99
CA LEU A 226 -14.33 7.24 -7.94
C LEU A 226 -14.01 6.46 -9.19
N THR A 227 -13.06 7.00 -9.96
CA THR A 227 -12.67 6.41 -11.21
C THR A 227 -11.34 5.63 -11.08
N LEU A 228 -11.34 4.41 -11.62
CA LEU A 228 -10.15 3.57 -11.60
C LEU A 228 -9.60 3.40 -13.03
N TRP A 229 -8.50 4.08 -13.30
CA TRP A 229 -7.88 3.93 -14.59
C TRP A 229 -6.49 4.50 -14.49
N ASN A 230 -5.51 3.64 -14.64
CA ASN A 230 -4.11 4.04 -14.38
C ASN A 230 -3.66 5.12 -15.35
N ALA A 231 -3.27 6.24 -14.77
CA ALA A 231 -3.00 7.46 -15.51
C ALA A 231 -1.87 8.29 -14.89
N ASP A 232 -1.08 8.94 -15.73
CA ASP A 232 0.01 9.87 -15.30
C ASP A 232 -0.60 11.21 -14.86
N ILE A 233 -1.33 11.20 -13.76
CA ILE A 233 -1.96 12.39 -13.24
C ILE A 233 -1.36 12.74 -11.91
N ALA A 234 -0.92 13.98 -11.77
CA ALA A 234 -0.20 14.38 -10.61
C ALA A 234 -1.10 14.26 -9.38
N SER A 235 -0.54 13.61 -8.34
CA SER A 235 -1.27 13.34 -7.08
C SER A 235 -1.54 14.59 -6.29
N PHE A 236 -0.99 15.72 -6.73
CA PHE A 236 -1.37 17.02 -6.13
C PHE A 236 -2.77 17.42 -6.54
N ASN A 237 -3.32 16.73 -7.54
CA ASN A 237 -4.72 16.89 -7.94
C ASN A 237 -5.65 16.03 -7.10
N ARG A 238 -6.54 16.68 -6.37
CA ARG A 238 -7.59 16.00 -5.63
C ARG A 238 -8.47 15.26 -6.61
N ASP A 239 -8.97 14.11 -6.14
CA ASP A 239 -10.16 13.42 -6.69
C ASP A 239 -9.91 12.59 -7.96
N LEU A 240 -8.98 13.09 -8.77
CA LEU A 240 -8.73 12.49 -10.07
C LEU A 240 -8.14 11.11 -9.92
N ASN A 241 -8.50 10.23 -10.85
CA ASN A 241 -7.90 8.91 -10.97
C ASN A 241 -6.40 9.08 -11.16
N LEU A 242 -5.63 8.36 -10.35
CA LEU A 242 -4.18 8.45 -10.42
C LEU A 242 -3.50 7.19 -11.02
N TYR A 243 -2.28 6.90 -10.57
CA TYR A 243 -1.35 6.00 -11.25
C TYR A 243 -1.75 4.54 -11.13
N GLY A 244 -2.55 4.27 -10.11
CA GLY A 244 -2.90 2.92 -9.70
C GLY A 244 -4.39 2.74 -9.52
N SER A 245 -4.79 1.46 -9.46
CA SER A 245 -6.18 1.07 -9.38
C SER A 245 -6.34 -0.07 -8.39
N HIS A 246 -7.16 0.17 -7.38
CA HIS A 246 -7.39 -0.79 -6.32
C HIS A 246 -8.89 -0.92 -6.00
N PRO A 247 -9.60 -1.83 -6.67
CA PRO A 247 -11.06 -1.94 -6.55
C PRO A 247 -11.48 -2.73 -5.31
N PHE A 248 -10.87 -2.34 -4.20
CA PHE A 248 -11.19 -2.84 -2.87
C PHE A 248 -11.69 -1.73 -1.99
N TYR A 249 -12.76 -1.99 -1.26
CA TYR A 249 -13.15 -1.14 -0.14
C TYR A 249 -13.39 -1.96 1.13
N MET A 250 -13.05 -1.31 2.24
CA MET A 250 -13.40 -1.78 3.58
C MET A 250 -14.61 -1.01 4.08
N ASP A 251 -15.53 -1.74 4.68
CA ASP A 251 -16.79 -1.20 5.20
C ASP A 251 -16.88 -1.48 6.70
N VAL A 252 -16.60 -0.44 7.48
CA VAL A 252 -16.72 -0.52 8.94
C VAL A 252 -18.07 -0.04 9.42
N ARG A 253 -18.78 -0.92 10.12
CA ARG A 253 -20.10 -0.58 10.65
C ARG A 253 -20.07 -0.13 12.09
N SER A 254 -20.60 1.07 12.32
CA SER A 254 -20.80 1.59 13.70
C SER A 254 -21.96 0.89 14.41
N SER A 255 -22.90 0.40 13.62
CA SER A 255 -24.09 -0.22 14.15
C SER A 255 -24.63 -1.29 13.16
N PRO A 256 -25.28 -2.36 13.66
CA PRO A 256 -25.71 -2.67 15.01
C PRO A 256 -24.60 -3.09 15.94
N MET A 257 -23.58 -3.79 15.44
CA MET A 257 -22.50 -4.19 16.34
C MET A 257 -21.20 -3.41 16.08
N VAL A 258 -20.87 -2.49 16.99
CA VAL A 258 -19.85 -1.47 16.73
C VAL A 258 -18.49 -2.10 16.37
N GLY A 259 -17.91 -1.54 15.32
CA GLY A 259 -16.58 -1.97 14.83
C GLY A 259 -16.59 -3.20 13.93
N SER A 260 -17.78 -3.75 13.72
CA SER A 260 -17.93 -4.91 12.83
C SER A 260 -17.63 -4.52 11.39
N THR A 261 -16.60 -5.17 10.83
CA THR A 261 -16.01 -4.76 9.56
C THR A 261 -15.97 -5.89 8.55
N HIS A 262 -16.22 -5.53 7.31
CA HIS A 262 -16.02 -6.43 6.19
C HIS A 262 -15.32 -5.72 5.02
N GLY A 263 -14.87 -6.55 4.08
CA GLY A 263 -14.18 -6.13 2.87
C GLY A 263 -14.86 -6.57 1.59
N VAL A 264 -14.73 -5.76 0.54
CA VAL A 264 -15.42 -6.03 -0.74
C VAL A 264 -14.45 -5.72 -1.85
N PHE A 265 -14.16 -6.73 -2.67
CA PHE A 265 -13.18 -6.67 -3.74
C PHE A 265 -13.75 -7.12 -5.08
N LEU A 266 -13.61 -6.25 -6.07
CA LEU A 266 -14.01 -6.57 -7.45
C LEU A 266 -12.76 -6.87 -8.26
N LEU A 267 -12.54 -8.14 -8.51
CA LEU A 267 -11.32 -8.58 -9.19
C LEU A 267 -11.48 -8.36 -10.70
N ASN A 268 -11.17 -7.14 -11.10
CA ASN A 268 -11.41 -6.66 -12.44
C ASN A 268 -10.40 -5.52 -12.77
N SER A 269 -9.66 -5.70 -13.87
CA SER A 269 -8.61 -4.77 -14.29
C SER A 269 -9.09 -3.77 -15.33
N ASN A 270 -10.40 -3.79 -15.61
CA ASN A 270 -10.93 -2.85 -16.56
C ASN A 270 -11.12 -1.46 -15.95
N GLY A 271 -11.22 -0.48 -16.81
CA GLY A 271 -11.58 0.85 -16.39
C GLY A 271 -12.94 0.82 -15.73
N MET A 272 -13.11 1.62 -14.68
CA MET A 272 -14.41 1.72 -14.05
C MET A 272 -14.66 3.04 -13.32
N ASP A 273 -15.95 3.33 -13.19
CA ASP A 273 -16.44 4.33 -12.25
C ASP A 273 -17.17 3.60 -11.12
N VAL A 274 -16.84 3.98 -9.89
CA VAL A 274 -17.62 3.59 -8.74
C VAL A 274 -18.35 4.80 -8.11
N GLU A 275 -19.68 4.76 -8.16
CA GLU A 275 -20.48 5.82 -7.55
C GLU A 275 -20.93 5.49 -6.14
N TYR A 276 -20.58 6.38 -5.22
CA TYR A 276 -20.90 6.23 -3.83
C TYR A 276 -21.69 7.43 -3.34
N THR A 277 -22.95 7.16 -2.96
CA THR A 277 -23.88 8.22 -2.57
C THR A 277 -24.32 8.07 -1.14
N GLY A 278 -23.62 7.25 -0.38
CA GLY A 278 -23.92 7.04 1.06
C GLY A 278 -24.91 5.90 1.34
N ASP A 279 -26.06 5.96 0.68
CA ASP A 279 -27.05 4.90 0.86
C ASP A 279 -26.91 3.87 -0.23
N ARG A 280 -25.94 4.10 -1.13
CA ARG A 280 -25.72 3.23 -2.27
C ARG A 280 -24.33 3.33 -2.84
N ILE A 281 -23.83 2.16 -3.26
CA ILE A 281 -22.58 2.06 -4.03
C ILE A 281 -22.82 1.26 -5.31
N THR A 282 -22.30 1.80 -6.40
CA THR A 282 -22.51 1.25 -7.72
C THR A 282 -21.24 1.22 -8.56
N TYR A 283 -20.82 0.02 -8.92
CA TYR A 283 -19.73 -0.20 -9.90
C TYR A 283 -20.27 -0.06 -11.30
N LYS A 284 -19.60 0.76 -12.10
CA LYS A 284 -19.83 0.83 -13.53
C LYS A 284 -18.52 0.56 -14.30
N VAL A 285 -18.41 -0.69 -14.75
CA VAL A 285 -17.18 -1.25 -15.31
C VAL A 285 -17.27 -1.45 -16.83
N ILE A 286 -16.17 -1.20 -17.54
CA ILE A 286 -16.20 -1.12 -19.01
C ILE A 286 -15.72 -2.39 -19.71
N GLY A 287 -15.60 -3.46 -18.93
CA GLY A 287 -15.28 -4.76 -19.47
C GLY A 287 -15.05 -5.86 -18.43
N GLY A 288 -14.59 -7.00 -18.91
CA GLY A 288 -14.28 -8.12 -18.06
C GLY A 288 -15.55 -8.76 -17.52
N ILE A 289 -15.43 -9.36 -16.35
CA ILE A 289 -16.56 -10.02 -15.66
C ILE A 289 -16.77 -9.45 -14.27
N ILE A 290 -17.83 -9.90 -13.62
CA ILE A 290 -17.99 -9.64 -12.22
C ILE A 290 -17.34 -10.77 -11.47
N ASP A 291 -16.31 -10.45 -10.72
CA ASP A 291 -15.71 -11.42 -9.81
C ASP A 291 -15.56 -10.75 -8.48
N LEU A 292 -16.58 -10.93 -7.66
CA LEU A 292 -16.75 -10.18 -6.44
C LEU A 292 -16.47 -11.02 -5.20
N TYR A 293 -15.61 -10.51 -4.34
CA TYR A 293 -15.23 -11.26 -3.17
C TYR A 293 -15.67 -10.50 -1.98
N ILE A 294 -16.31 -11.20 -1.06
CA ILE A 294 -16.63 -10.59 0.22
C ILE A 294 -15.88 -11.27 1.38
N PHE A 295 -15.15 -10.43 2.12
CA PHE A 295 -14.35 -10.89 3.26
C PHE A 295 -15.03 -10.56 4.59
N ALA A 296 -15.26 -11.61 5.37
CA ALA A 296 -16.13 -11.58 6.56
C ALA A 296 -15.65 -10.70 7.71
N GLY A 297 -14.36 -10.37 7.73
CA GLY A 297 -13.78 -9.69 8.88
C GLY A 297 -13.69 -10.65 10.03
N ARG A 298 -14.24 -10.34 11.21
CA ARG A 298 -15.07 -9.16 11.46
C ARG A 298 -14.29 -7.97 11.99
N THR A 299 -13.04 -8.17 12.39
CA THR A 299 -12.17 -7.00 12.69
C THR A 299 -11.53 -6.43 11.42
N PRO A 300 -11.17 -5.15 11.44
CA PRO A 300 -10.48 -4.60 10.23
C PRO A 300 -9.22 -5.36 9.87
N GLU A 301 -8.47 -5.78 10.87
CA GLU A 301 -7.24 -6.52 10.67
C GLU A 301 -7.55 -7.87 10.02
N MET A 302 -8.69 -8.46 10.40
CA MET A 302 -9.06 -9.76 9.84
C MET A 302 -9.44 -9.66 8.37
N VAL A 303 -10.13 -8.57 8.02
CA VAL A 303 -10.50 -8.24 6.63
C VAL A 303 -9.25 -8.19 5.74
N LEU A 304 -8.21 -7.49 6.20
CA LEU A 304 -6.97 -7.35 5.43
C LEU A 304 -6.17 -8.62 5.37
N ASP A 305 -6.30 -9.42 6.41
CA ASP A 305 -5.69 -10.75 6.42
C ASP A 305 -6.34 -11.58 5.33
N GLN A 306 -7.67 -11.57 5.31
CA GLN A 306 -8.43 -12.30 4.32
C GLN A 306 -8.16 -11.80 2.90
N TYR A 307 -8.04 -10.48 2.76
CA TYR A 307 -7.86 -9.82 1.43
C TYR A 307 -6.48 -10.12 0.87
N THR A 308 -5.45 -9.97 1.70
CA THR A 308 -4.11 -10.28 1.25
C THR A 308 -3.85 -11.76 1.07
N LYS A 309 -4.67 -12.59 1.75
CA LYS A 309 -4.61 -14.04 1.53
C LYS A 309 -4.96 -14.34 0.07
N LEU A 310 -5.84 -13.52 -0.48
CA LEU A 310 -6.25 -13.63 -1.87
C LEU A 310 -5.25 -12.98 -2.86
N ILE A 311 -4.97 -11.69 -2.69
CA ILE A 311 -4.24 -10.92 -3.70
C ILE A 311 -2.70 -10.94 -3.54
N GLY A 312 -2.26 -11.59 -2.46
CA GLY A 312 -0.85 -11.64 -2.16
C GLY A 312 -0.43 -10.93 -0.89
N ARG A 313 0.40 -11.61 -0.09
CA ARG A 313 0.96 -11.04 1.12
C ARG A 313 2.00 -9.98 0.80
N PRO A 314 1.99 -8.85 1.50
CA PRO A 314 2.98 -7.83 1.28
C PRO A 314 4.37 -8.34 1.34
N ALA A 315 5.14 -7.95 0.34
CA ALA A 315 6.51 -8.37 0.21
C ALA A 315 7.35 -8.02 1.42
N PRO A 316 8.28 -8.90 1.76
CA PRO A 316 9.26 -8.47 2.71
C PRO A 316 10.14 -7.39 2.13
N MET A 317 10.66 -6.58 3.03
CA MET A 317 11.54 -5.47 2.72
C MET A 317 12.85 -5.64 3.48
N PRO A 318 13.95 -5.28 2.84
CA PRO A 318 15.17 -5.30 3.59
C PRO A 318 15.22 -4.18 4.61
N TYR A 319 15.93 -4.45 5.70
CA TYR A 319 16.11 -3.55 6.82
C TYR A 319 16.55 -2.13 6.39
N TRP A 320 17.52 -2.06 5.48
CA TRP A 320 18.02 -0.77 4.99
C TRP A 320 16.97 0.08 4.28
N ALA A 321 15.90 -0.55 3.78
CA ALA A 321 14.77 0.15 3.09
C ALA A 321 14.03 1.11 4.01
N PHE A 322 14.19 0.92 5.31
CA PHE A 322 13.55 1.76 6.35
C PHE A 322 14.46 2.90 6.76
N GLY A 323 15.65 2.92 6.16
CA GLY A 323 16.57 4.02 6.37
C GLY A 323 16.03 5.25 5.69
N PHE A 324 16.69 6.38 5.91
CA PHE A 324 16.28 7.58 5.20
C PHE A 324 16.80 7.61 3.75
N HIS A 325 15.91 7.98 2.82
CA HIS A 325 16.22 8.04 1.40
C HIS A 325 16.26 9.48 0.86
N GLN A 326 17.25 9.75 0.01
CA GLN A 326 17.38 11.05 -0.60
C GLN A 326 17.40 10.91 -2.10
N CYS A 327 16.60 11.77 -2.74
CA CYS A 327 16.60 11.87 -4.19
C CYS A 327 16.31 13.28 -4.64
N ARG A 328 16.68 13.53 -5.90
CA ARG A 328 16.32 14.76 -6.62
C ARG A 328 16.36 14.58 -8.11
N TRP A 329 15.29 15.01 -8.75
CA TRP A 329 15.33 15.16 -10.16
C TRP A 329 16.10 16.45 -10.43
N GLY A 330 17.20 16.33 -11.15
CA GLY A 330 18.02 17.47 -11.49
C GLY A 330 19.44 17.49 -10.95
N TYR A 331 19.84 16.48 -10.18
CA TYR A 331 21.26 16.37 -9.78
C TYR A 331 22.09 16.31 -11.07
N ARG A 332 23.00 17.25 -11.22
CA ARG A 332 23.69 17.49 -12.49
C ARG A 332 24.80 16.49 -12.81
N ASP A 333 25.49 16.00 -11.78
CA ASP A 333 26.62 15.06 -11.97
C ASP A 333 26.99 14.28 -10.70
N VAL A 334 27.97 13.40 -10.82
CA VAL A 334 28.36 12.52 -9.70
C VAL A 334 28.92 13.34 -8.53
N ASN A 335 29.70 14.35 -8.88
CA ASN A 335 30.28 15.19 -7.90
C ASN A 335 29.21 15.83 -7.01
N GLU A 336 28.10 16.25 -7.61
CA GLU A 336 26.96 16.80 -6.85
C GLU A 336 26.32 15.79 -5.89
N ILE A 337 26.05 14.59 -6.36
CA ILE A 337 25.45 13.56 -5.47
C ILE A 337 26.42 13.19 -4.34
N GLU A 338 27.73 13.20 -4.64
CA GLU A 338 28.74 12.95 -3.60
C GLU A 338 28.71 14.05 -2.56
N THR A 339 28.60 15.28 -3.04
CA THR A 339 28.52 16.43 -2.16
C THR A 339 27.32 16.35 -1.23
N VAL A 340 26.17 15.90 -1.77
CA VAL A 340 24.92 15.78 -0.98
C VAL A 340 25.12 14.82 0.18
N VAL A 341 25.73 13.67 -0.15
CA VAL A 341 26.02 12.63 0.85
C VAL A 341 26.97 13.14 1.90
N ASP A 342 27.98 13.90 1.46
CA ASP A 342 28.97 14.44 2.38
C ASP A 342 28.33 15.42 3.32
N LYS A 343 27.48 16.27 2.77
CA LYS A 343 26.75 17.30 3.55
C LYS A 343 25.71 16.71 4.52
N TYR A 344 25.05 15.61 4.15
CA TYR A 344 24.15 14.91 5.10
C TYR A 344 24.95 14.42 6.29
N ALA A 345 26.11 13.85 5.99
CA ALA A 345 26.99 13.30 6.99
C ALA A 345 27.44 14.40 7.91
N GLU A 346 27.82 15.55 7.34
CA GLU A 346 28.38 16.65 8.11
C GLU A 346 27.31 17.25 8.97
N ALA A 347 26.06 17.15 8.51
CA ALA A 347 24.92 17.67 9.24
C ALA A 347 24.47 16.70 10.32
N ARG A 348 25.11 15.54 10.37
CA ARG A 348 24.78 14.49 11.33
C ARG A 348 23.32 14.01 11.21
N ILE A 349 22.84 14.05 9.97
CA ILE A 349 21.53 13.56 9.61
C ILE A 349 21.71 12.18 8.97
N PRO A 350 21.06 11.18 9.55
CA PRO A 350 21.20 9.86 8.96
C PRO A 350 20.73 9.83 7.50
N LEU A 351 21.57 9.26 6.64
CA LEU A 351 21.24 9.03 5.23
C LEU A 351 21.66 7.61 4.88
N GLU A 352 20.68 6.83 4.43
CA GLU A 352 20.90 5.42 4.16
C GLU A 352 21.07 5.15 2.70
N VAL A 353 20.21 5.77 1.90
CA VAL A 353 20.16 5.49 0.47
C VAL A 353 20.18 6.76 -0.36
N MET A 354 21.11 6.79 -1.30
CA MET A 354 21.20 7.84 -2.31
C MET A 354 20.57 7.35 -3.59
N TRP A 355 19.76 8.22 -4.16
CA TRP A 355 19.01 7.90 -5.38
C TRP A 355 19.41 8.77 -6.56
N THR A 356 19.35 8.20 -7.76
CA THR A 356 19.49 8.96 -8.99
C THR A 356 18.30 8.85 -9.95
N ASP A 357 17.83 10.03 -10.33
CA ASP A 357 16.74 10.19 -11.26
C ASP A 357 17.32 10.16 -12.67
N ILE A 358 16.44 10.38 -13.65
CA ILE A 358 16.77 10.20 -15.08
C ILE A 358 18.03 10.94 -15.53
N ASP A 359 18.46 11.96 -14.78
CA ASP A 359 19.75 12.67 -15.02
C ASP A 359 20.94 11.76 -15.32
N TYR A 360 20.99 10.61 -14.64
CA TYR A 360 22.16 9.70 -14.71
C TYR A 360 22.29 9.03 -16.06
N MET A 361 21.17 8.94 -16.77
CA MET A 361 21.12 8.28 -18.09
C MET A 361 21.76 9.08 -19.18
N ASP A 362 22.18 8.40 -20.22
CA ASP A 362 22.59 9.06 -21.42
C ASP A 362 21.37 9.37 -22.26
N ALA A 363 21.07 10.65 -22.34
CA ALA A 363 19.92 11.11 -23.12
C ALA A 363 18.64 10.34 -22.76
N PHE A 364 18.40 10.15 -21.47
CA PHE A 364 17.13 9.59 -20.98
C PHE A 364 16.89 8.15 -21.39
N LYS A 365 17.99 7.45 -21.61
CA LYS A 365 17.97 6.06 -22.03
C LYS A 365 18.35 5.10 -20.88
N ASP A 366 17.39 4.22 -20.56
CA ASP A 366 17.60 3.11 -19.64
C ASP A 366 18.91 2.41 -19.91
N PHE A 367 19.53 1.90 -18.85
CA PHE A 367 20.70 1.01 -18.96
C PHE A 367 21.94 1.72 -19.54
N THR A 368 21.94 3.05 -19.43
CA THR A 368 23.05 3.86 -19.90
C THR A 368 23.45 4.91 -18.88
N LEU A 369 24.62 5.48 -19.11
CA LEU A 369 25.18 6.47 -18.21
C LEU A 369 25.65 7.65 -19.00
N ASP A 370 25.26 8.84 -18.55
CA ASP A 370 25.67 10.07 -19.16
C ASP A 370 27.20 10.08 -19.11
N PRO A 371 27.86 9.99 -20.27
CA PRO A 371 29.29 9.72 -20.24
C PRO A 371 30.08 10.91 -19.79
N VAL A 372 29.45 12.08 -19.80
CA VAL A 372 30.10 13.30 -19.31
C VAL A 372 29.83 13.52 -17.85
N HIS A 373 28.56 13.43 -17.44
CA HIS A 373 28.14 13.86 -16.10
C HIS A 373 28.09 12.74 -15.06
N PHE A 374 27.87 11.54 -15.55
CA PHE A 374 27.82 10.33 -14.73
C PHE A 374 28.61 9.19 -15.36
N PRO A 375 29.92 9.42 -15.57
CA PRO A 375 30.70 8.39 -16.22
C PRO A 375 30.85 7.18 -15.32
N LEU A 376 30.80 6.01 -15.93
CA LEU A 376 30.80 4.71 -15.24
C LEU A 376 31.88 4.55 -14.18
N ASP A 377 33.11 4.94 -14.50
CA ASP A 377 34.22 4.76 -13.56
C ASP A 377 33.95 5.56 -12.28
N LYS A 378 33.47 6.79 -12.43
CA LYS A 378 33.18 7.67 -11.28
C LYS A 378 31.94 7.18 -10.50
N MET A 379 30.97 6.67 -11.24
CA MET A 379 29.76 6.07 -10.65
C MET A 379 30.05 4.81 -9.86
N GLN A 380 30.91 3.98 -10.38
CA GLN A 380 31.32 2.74 -9.69
C GLN A 380 32.08 3.10 -8.42
N GLN A 381 32.94 4.13 -8.49
CA GLN A 381 33.70 4.60 -7.33
C GLN A 381 32.72 5.10 -6.26
N PHE A 382 31.73 5.85 -6.70
CA PHE A 382 30.73 6.44 -5.79
C PHE A 382 29.92 5.40 -5.04
N VAL A 383 29.39 4.43 -5.79
CA VAL A 383 28.56 3.36 -5.23
C VAL A 383 29.40 2.49 -4.31
N THR A 384 30.64 2.24 -4.72
CA THR A 384 31.57 1.47 -3.88
C THR A 384 31.80 2.16 -2.56
N LYS A 385 32.00 3.47 -2.60
CA LYS A 385 32.17 4.25 -1.39
C LYS A 385 30.91 4.21 -0.50
N LEU A 386 29.74 4.37 -1.12
CA LEU A 386 28.49 4.25 -0.39
C LEU A 386 28.47 2.93 0.34
N HIS A 387 28.73 1.85 -0.39
CA HIS A 387 28.60 0.50 0.19
C HIS A 387 29.60 0.31 1.32
N ARG A 388 30.82 0.79 1.11
CA ARG A 388 31.87 0.71 2.10
C ARG A 388 31.39 1.33 3.40
N ASN A 389 30.60 2.40 3.28
CA ASN A 389 30.04 3.14 4.45
C ASN A 389 28.69 2.60 4.98
N GLY A 390 28.28 1.44 4.49
CA GLY A 390 27.03 0.81 4.91
C GLY A 390 25.82 1.49 4.35
N GLN A 391 26.02 2.25 3.27
CA GLN A 391 24.98 3.01 2.57
C GLN A 391 24.62 2.33 1.27
N ARG A 392 23.52 2.75 0.66
CA ARG A 392 22.96 2.06 -0.52
C ARG A 392 22.60 2.98 -1.71
N TYR A 393 22.32 2.36 -2.85
CA TYR A 393 22.10 3.09 -4.09
C TYR A 393 20.92 2.56 -4.92
N VAL A 394 20.04 3.48 -5.35
CA VAL A 394 18.88 3.12 -6.16
C VAL A 394 18.69 4.04 -7.37
N PRO A 395 18.72 3.48 -8.56
CA PRO A 395 18.44 4.24 -9.72
C PRO A 395 17.05 3.99 -10.32
N ILE A 396 16.68 4.92 -11.19
CA ILE A 396 15.37 4.91 -11.81
C ILE A 396 15.46 4.17 -13.14
N LEU A 397 14.34 3.53 -13.49
CA LEU A 397 14.12 2.93 -14.80
C LEU A 397 12.71 3.24 -15.27
N ASP A 398 12.62 3.70 -16.53
CA ASP A 398 11.34 3.93 -17.19
C ASP A 398 11.09 2.72 -18.10
N PRO A 399 9.86 2.54 -18.55
CA PRO A 399 9.64 1.34 -19.36
C PRO A 399 9.91 1.58 -20.83
N GLY A 400 9.66 2.81 -21.25
CA GLY A 400 9.81 3.18 -22.64
C GLY A 400 11.25 3.00 -23.14
N ILE A 401 11.39 2.19 -24.21
CA ILE A 401 12.70 1.91 -24.78
C ILE A 401 12.92 2.77 -26.00
N ASN A 402 13.88 3.69 -25.89
CA ASN A 402 14.20 4.63 -26.94
C ASN A 402 14.51 3.90 -28.22
N THR A 403 14.08 4.48 -29.34
CA THR A 403 14.24 3.81 -30.63
C THR A 403 15.55 4.16 -31.35
N ASN A 404 16.55 4.60 -30.61
CA ASN A 404 17.85 4.84 -31.18
C ASN A 404 18.43 3.59 -31.82
N LYS A 405 18.96 3.75 -33.02
CA LYS A 405 19.61 2.64 -33.76
C LYS A 405 20.92 2.13 -33.15
N SER A 406 21.64 3.01 -32.43
CA SER A 406 22.95 2.69 -31.81
C SER A 406 22.83 2.19 -30.36
N TYR A 407 21.60 1.99 -29.93
CA TYR A 407 21.26 1.67 -28.54
C TYR A 407 21.05 0.16 -28.44
N GLY A 408 21.93 -0.47 -27.68
CA GLY A 408 21.94 -1.93 -27.62
C GLY A 408 20.64 -2.52 -27.12
N THR A 409 20.02 -1.82 -26.16
CA THR A 409 18.80 -2.30 -25.52
C THR A 409 17.67 -2.42 -26.52
N PHE A 410 17.60 -1.40 -27.37
CA PHE A 410 16.61 -1.30 -28.41
C PHE A 410 16.81 -2.43 -29.38
N ILE A 411 18.07 -2.61 -29.78
CA ILE A 411 18.44 -3.66 -30.74
C ILE A 411 18.02 -5.04 -30.22
N ARG A 412 18.36 -5.32 -28.97
CA ARG A 412 18.05 -6.61 -28.40
C ARG A 412 16.54 -6.82 -28.18
N GLY A 413 15.87 -5.72 -27.84
CA GLY A 413 14.42 -5.71 -27.67
C GLY A 413 13.71 -6.09 -28.96
N MET A 414 14.09 -5.45 -30.04
CA MET A 414 13.56 -5.74 -31.36
C MET A 414 13.82 -7.16 -31.78
N GLN A 415 15.00 -7.68 -31.48
CA GLN A 415 15.35 -9.05 -31.87
C GLN A 415 14.45 -10.07 -31.20
N SER A 416 14.18 -9.85 -29.92
CA SER A 416 13.31 -10.77 -29.18
C SER A 416 11.83 -10.43 -29.36
N ASN A 417 11.54 -9.40 -30.18
CA ASN A 417 10.17 -9.01 -30.46
C ASN A 417 9.40 -8.80 -29.15
N VAL A 418 9.95 -7.93 -28.30
CA VAL A 418 9.47 -7.77 -26.93
C VAL A 418 8.39 -6.68 -26.76
N PHE A 419 8.14 -5.93 -27.81
CA PHE A 419 7.37 -4.70 -27.71
C PHE A 419 5.89 -4.79 -28.03
N ILE A 420 5.15 -3.95 -27.32
CA ILE A 420 3.72 -3.80 -27.55
C ILE A 420 3.43 -3.24 -28.95
N LYS A 421 2.51 -3.92 -29.62
CA LYS A 421 2.10 -3.58 -30.99
C LYS A 421 0.73 -2.99 -31.14
N ARG A 422 0.57 -2.25 -32.23
CA ARG A 422 -0.72 -1.76 -32.65
C ARG A 422 -0.78 -1.81 -34.17
N ASP A 423 -1.89 -2.31 -34.72
CA ASP A 423 -2.05 -2.56 -36.17
C ASP A 423 -0.82 -3.33 -36.73
N GLY A 424 -0.32 -4.28 -35.94
CA GLY A 424 0.79 -5.17 -36.30
C GLY A 424 2.21 -4.65 -36.18
N ASN A 425 2.33 -3.35 -35.92
CA ASN A 425 3.63 -2.69 -35.74
C ASN A 425 3.86 -2.25 -34.32
N PRO A 426 5.13 -2.15 -33.93
CA PRO A 426 5.44 -1.69 -32.59
C PRO A 426 4.84 -0.33 -32.34
N TYR A 427 4.13 -0.18 -31.22
CA TYR A 427 3.44 1.08 -30.93
C TYR A 427 4.42 2.14 -30.46
N LEU A 428 4.36 3.28 -31.14
CA LEU A 428 5.34 4.34 -30.98
C LEU A 428 4.88 5.38 -30.00
N GLY A 429 5.50 5.35 -28.84
CA GLY A 429 5.16 6.23 -27.74
C GLY A 429 6.13 7.38 -27.66
N SER A 430 5.85 8.36 -26.81
CA SER A 430 6.80 9.44 -26.53
C SER A 430 7.00 9.66 -25.03
N VAL A 431 8.25 9.62 -24.63
CA VAL A 431 8.60 9.92 -23.26
C VAL A 431 9.98 10.64 -23.18
N TRP A 432 10.59 10.67 -22.02
CA TRP A 432 11.79 11.51 -21.82
C TRP A 432 12.88 11.44 -22.91
N PRO A 433 13.13 10.23 -23.43
CA PRO A 433 14.16 10.04 -24.45
C PRO A 433 13.69 10.44 -25.85
N GLY A 434 12.39 10.68 -25.97
CA GLY A 434 11.76 10.99 -27.24
C GLY A 434 10.92 9.81 -27.68
N PRO A 435 11.18 9.28 -28.88
CA PRO A 435 10.45 8.15 -29.40
C PRO A 435 10.81 6.89 -28.68
N VAL A 436 9.81 6.17 -28.19
CA VAL A 436 10.07 4.94 -27.47
C VAL A 436 9.20 3.77 -27.92
N TYR A 437 9.65 2.56 -27.57
CA TYR A 437 8.81 1.36 -27.62
C TYR A 437 8.59 0.76 -26.21
N TYR A 438 7.37 0.29 -25.96
CA TYR A 438 7.02 -0.28 -24.65
C TYR A 438 7.13 -1.80 -24.61
N PRO A 439 7.94 -2.33 -23.69
CA PRO A 439 7.97 -3.77 -23.54
C PRO A 439 6.63 -4.30 -23.07
N ASP A 440 6.25 -5.43 -23.66
CA ASP A 440 5.00 -6.10 -23.34
C ASP A 440 5.26 -7.06 -22.18
N PHE A 441 5.01 -6.63 -20.95
CA PHE A 441 5.33 -7.43 -19.76
C PHE A 441 4.39 -8.58 -19.53
N LEU A 442 3.40 -8.78 -20.40
CA LEU A 442 2.63 -10.04 -20.41
C LEU A 442 3.31 -11.10 -21.24
N ASP A 443 4.28 -10.68 -22.03
CA ASP A 443 5.10 -11.54 -22.89
C ASP A 443 6.30 -12.10 -22.12
N PRO A 444 6.37 -13.43 -21.98
CA PRO A 444 7.50 -14.04 -21.27
C PRO A 444 8.85 -13.63 -21.85
N ALA A 445 8.88 -13.44 -23.16
CA ALA A 445 10.11 -13.07 -23.84
C ALA A 445 10.58 -11.66 -23.42
N ALA A 446 9.59 -10.80 -23.14
CA ALA A 446 9.83 -9.43 -22.64
C ALA A 446 10.33 -9.48 -21.21
N ARG A 447 9.85 -10.43 -20.44
CA ARG A 447 10.30 -10.60 -19.07
C ARG A 447 11.75 -11.03 -19.04
N SER A 448 12.12 -11.95 -19.94
CA SER A 448 13.52 -12.43 -20.04
C SER A 448 14.41 -11.32 -20.46
N PHE A 449 13.92 -10.56 -21.43
CA PHE A 449 14.64 -9.44 -21.97
C PHE A 449 14.96 -8.43 -20.87
N TRP A 450 13.93 -8.14 -20.06
CA TRP A 450 14.04 -7.19 -18.97
C TRP A 450 15.06 -7.66 -17.97
N VAL A 451 14.96 -8.92 -17.59
CA VAL A 451 15.89 -9.53 -16.66
C VAL A 451 17.32 -9.41 -17.21
N ASP A 452 17.44 -9.68 -18.51
CA ASP A 452 18.75 -9.69 -19.13
C ASP A 452 19.40 -8.29 -19.17
N GLU A 453 18.60 -7.28 -19.48
CA GLU A 453 19.09 -5.90 -19.52
C GLU A 453 19.54 -5.43 -18.13
N ILE A 454 18.77 -5.80 -17.12
CA ILE A 454 19.08 -5.49 -15.72
C ILE A 454 20.35 -6.20 -15.29
N LYS A 455 20.48 -7.48 -15.63
CA LYS A 455 21.74 -8.25 -15.40
C LYS A 455 22.94 -7.56 -16.00
N ARG A 456 22.81 -7.19 -17.27
CA ARG A 456 23.88 -6.53 -18.01
C ARG A 456 24.36 -5.27 -17.30
N PHE A 457 23.39 -4.47 -16.87
CA PHE A 457 23.65 -3.17 -16.29
C PHE A 457 24.23 -3.31 -14.91
N ARG A 458 23.65 -4.25 -14.17
CA ARG A 458 24.03 -4.48 -12.79
C ARG A 458 25.45 -5.04 -12.71
N ASP A 459 25.83 -5.79 -13.75
CA ASP A 459 27.18 -6.34 -13.86
C ASP A 459 28.23 -5.26 -13.95
N ILE A 460 27.82 -4.13 -14.50
CA ILE A 460 28.74 -3.04 -14.76
C ILE A 460 28.71 -2.02 -13.63
N LEU A 461 27.52 -1.74 -13.11
CA LEU A 461 27.32 -0.81 -11.99
C LEU A 461 26.48 -1.47 -10.91
N PRO A 462 27.06 -1.71 -9.74
CA PRO A 462 26.24 -2.34 -8.69
C PRO A 462 25.10 -1.45 -8.26
N ILE A 463 23.94 -2.08 -8.05
CA ILE A 463 22.79 -1.37 -7.46
C ILE A 463 22.17 -2.18 -6.35
N ASP A 464 21.39 -1.51 -5.50
CA ASP A 464 20.75 -2.13 -4.34
C ASP A 464 19.25 -2.23 -4.46
N GLY A 465 18.69 -1.53 -5.44
CA GLY A 465 17.27 -1.58 -5.69
C GLY A 465 16.90 -0.92 -6.98
N ILE A 466 15.63 -1.05 -7.34
CA ILE A 466 15.14 -0.36 -8.52
C ILE A 466 13.92 0.51 -8.27
N TRP A 467 13.98 1.73 -8.82
CA TRP A 467 12.84 2.61 -8.88
C TRP A 467 12.23 2.53 -10.26
N ILE A 468 11.04 1.93 -10.35
CA ILE A 468 10.30 1.86 -11.62
C ILE A 468 9.18 2.89 -11.72
N ASP A 469 9.34 3.75 -12.70
CA ASP A 469 8.51 4.94 -12.83
C ASP A 469 7.78 4.98 -14.14
N MET A 470 6.85 5.91 -14.25
CA MET A 470 6.15 6.19 -15.51
C MET A 470 5.46 4.99 -16.12
N ASN A 471 5.12 4.03 -15.27
CA ASN A 471 4.73 2.71 -15.74
C ASN A 471 3.23 2.48 -15.74
N GLU A 472 2.48 3.53 -16.05
CA GLU A 472 1.01 3.46 -16.15
C GLU A 472 0.43 2.60 -17.30
N ALA A 473 0.95 2.68 -18.54
CA ALA A 473 2.17 3.39 -18.95
C ALA A 473 1.93 4.82 -19.38
N SER A 474 2.84 5.69 -18.99
CA SER A 474 2.76 7.09 -19.36
C SER A 474 3.20 7.33 -20.80
N ASN A 475 2.49 8.24 -21.45
CA ASN A 475 2.76 8.63 -22.84
C ASN A 475 2.55 10.13 -22.95
N PHE A 476 3.57 10.81 -23.47
CA PHE A 476 3.51 12.26 -23.61
C PHE A 476 2.59 12.72 -24.74
N ILE A 477 2.29 11.81 -25.66
CA ILE A 477 1.29 12.07 -26.70
C ILE A 477 0.09 11.16 -26.53
N THR A 478 -1.00 11.58 -27.13
CA THR A 478 -2.19 10.77 -27.27
C THR A 478 -2.35 10.40 -28.74
N SER A 479 -2.41 9.11 -29.00
CA SER A 479 -2.63 8.66 -30.37
C SER A 479 -4.07 8.78 -30.80
N ALA A 480 -4.23 8.91 -32.12
CA ALA A 480 -5.52 8.94 -32.76
C ALA A 480 -6.29 7.62 -32.56
N PRO A 481 -7.61 7.71 -32.40
CA PRO A 481 -8.28 6.44 -32.17
C PRO A 481 -8.39 5.67 -33.42
N THR A 482 -8.37 4.35 -33.31
CA THR A 482 -8.67 3.48 -34.44
C THR A 482 -10.12 3.76 -34.85
N PRO A 483 -10.31 4.10 -36.12
CA PRO A 483 -11.65 4.37 -36.56
C PRO A 483 -12.54 3.14 -36.43
N GLY A 484 -13.78 3.40 -36.04
CA GLY A 484 -14.76 2.33 -35.78
C GLY A 484 -14.57 1.51 -34.52
N SER A 485 -13.42 1.61 -33.86
CA SER A 485 -13.13 0.77 -32.68
C SER A 485 -13.87 1.23 -31.43
N THR A 486 -14.72 0.38 -30.90
CA THR A 486 -15.38 0.70 -29.63
C THR A 486 -14.43 0.53 -28.42
N LEU A 487 -13.25 -0.01 -28.65
CA LEU A 487 -12.23 -0.08 -27.60
C LEU A 487 -11.57 1.28 -27.39
N ASP A 488 -11.16 1.94 -28.47
CA ASP A 488 -10.61 3.32 -28.35
C ASP A 488 -11.69 4.34 -28.16
N ASN A 489 -12.91 3.97 -28.54
CA ASN A 489 -14.13 4.82 -28.40
C ASN A 489 -15.34 4.12 -27.71
N PRO A 490 -15.19 3.84 -26.42
CA PRO A 490 -16.16 3.00 -25.72
C PRO A 490 -17.47 3.68 -25.50
N PRO A 491 -18.57 2.89 -25.49
CA PRO A 491 -19.92 3.42 -25.39
C PRO A 491 -20.15 4.13 -24.06
N TYR A 492 -19.55 3.62 -22.99
CA TYR A 492 -19.59 4.28 -21.67
C TYR A 492 -18.25 4.91 -21.35
N LYS A 493 -18.28 6.21 -21.15
CA LYS A 493 -17.10 6.98 -20.78
C LYS A 493 -16.89 7.04 -19.29
N ILE A 494 -15.87 6.37 -18.80
CA ILE A 494 -15.45 6.57 -17.43
C ILE A 494 -14.98 7.97 -17.21
N ASN A 495 -14.99 8.38 -15.95
CA ASN A 495 -14.74 9.77 -15.64
C ASN A 495 -13.25 10.10 -15.50
N ASN A 496 -12.53 9.70 -16.54
CA ASN A 496 -11.09 9.77 -16.60
C ASN A 496 -10.67 11.23 -16.50
N SER A 497 -9.75 11.52 -15.61
CA SER A 497 -9.24 12.87 -15.39
C SER A 497 -10.32 13.87 -15.02
N GLY A 498 -11.39 13.37 -14.41
CA GLY A 498 -12.49 14.20 -13.92
C GLY A 498 -13.31 14.86 -15.02
N GLY A 499 -13.00 14.50 -16.26
CA GLY A 499 -13.58 15.16 -17.42
C GLY A 499 -14.14 14.28 -18.53
N ARG A 500 -14.55 13.06 -18.19
CA ARG A 500 -14.90 12.02 -19.19
C ARG A 500 -13.89 12.03 -20.35
N VAL A 501 -12.62 12.22 -19.99
CA VAL A 501 -11.55 12.20 -20.95
C VAL A 501 -11.41 10.81 -21.56
N PRO A 502 -11.07 10.78 -22.86
CA PRO A 502 -10.93 9.44 -23.45
C PRO A 502 -9.79 8.68 -22.77
N ILE A 503 -10.02 7.39 -22.55
CA ILE A 503 -9.05 6.52 -21.90
C ILE A 503 -7.63 6.50 -22.49
N ASN A 504 -7.53 6.69 -23.80
CA ASN A 504 -6.26 6.61 -24.53
C ASN A 504 -5.42 7.85 -24.35
N SER A 505 -5.99 8.82 -23.64
CA SER A 505 -5.32 10.05 -23.29
C SER A 505 -4.01 9.82 -22.56
N LYS A 506 -2.92 10.35 -23.15
CA LYS A 506 -1.58 10.35 -22.56
C LYS A 506 -1.10 8.98 -22.02
N THR A 507 -1.48 7.92 -22.74
CA THR A 507 -1.10 6.53 -22.43
C THR A 507 -0.96 5.66 -23.72
N ILE A 508 -0.91 4.35 -23.55
CA ILE A 508 -0.99 3.40 -24.70
C ILE A 508 -2.45 3.16 -25.17
N PRO A 509 -2.71 3.22 -26.47
CA PRO A 509 -4.10 3.06 -26.92
C PRO A 509 -4.67 1.71 -26.55
N ALA A 510 -5.95 1.70 -26.25
CA ALA A 510 -6.71 0.46 -25.94
C ALA A 510 -6.58 -0.63 -26.98
N THR A 511 -6.39 -0.22 -28.24
CA THR A 511 -6.36 -1.16 -29.39
C THR A 511 -5.02 -1.82 -29.58
N ALA A 512 -4.04 -1.38 -28.80
CA ALA A 512 -2.74 -2.01 -28.78
C ALA A 512 -2.86 -3.43 -28.28
N MET A 513 -1.94 -4.30 -28.73
CA MET A 513 -2.02 -5.75 -28.45
C MET A 513 -0.87 -6.31 -27.64
N HIS A 514 -1.21 -7.30 -26.82
CA HIS A 514 -0.26 -8.00 -25.99
C HIS A 514 -0.26 -9.48 -26.28
N TYR A 515 0.80 -10.12 -25.81
CA TYR A 515 0.93 -11.56 -25.77
C TYR A 515 -0.37 -12.28 -25.44
N GLY A 516 -0.66 -13.30 -26.22
CA GLY A 516 -1.89 -14.08 -26.04
C GLY A 516 -3.12 -13.40 -26.62
N ASN A 517 -2.92 -12.57 -27.63
CA ASN A 517 -4.00 -11.78 -28.26
C ASN A 517 -4.77 -10.88 -27.29
N VAL A 518 -4.07 -10.38 -26.27
CA VAL A 518 -4.73 -9.59 -25.22
C VAL A 518 -4.67 -8.09 -25.52
N THR A 519 -5.82 -7.44 -25.36
CA THR A 519 -5.95 -6.01 -25.67
C THR A 519 -5.53 -5.14 -24.49
N GLU A 520 -4.92 -4.01 -24.82
CA GLU A 520 -4.54 -3.02 -23.81
C GLU A 520 -5.80 -2.56 -23.09
N TYR A 521 -6.92 -2.59 -23.79
CA TYR A 521 -8.19 -2.22 -23.19
C TYR A 521 -8.37 -2.99 -21.88
N ASN A 522 -8.12 -4.28 -21.95
CA ASN A 522 -8.30 -5.16 -20.80
C ASN A 522 -7.08 -5.18 -19.85
N ALA A 523 -5.88 -5.03 -20.42
CA ALA A 523 -4.65 -5.25 -19.65
C ALA A 523 -4.02 -3.99 -19.07
N HIS A 524 -4.57 -2.84 -19.46
CA HIS A 524 -3.95 -1.55 -19.22
C HIS A 524 -3.55 -1.41 -17.76
N ASN A 525 -4.52 -1.62 -16.86
CA ASN A 525 -4.29 -1.48 -15.40
C ASN A 525 -3.28 -2.42 -14.76
N LEU A 526 -2.83 -3.41 -15.53
CA LEU A 526 -1.86 -4.42 -15.07
C LEU A 526 -0.43 -4.06 -15.44
N TYR A 527 -0.23 -3.00 -16.22
CA TYR A 527 1.12 -2.76 -16.77
C TYR A 527 2.17 -2.59 -15.70
N GLY A 528 1.95 -1.65 -14.81
CA GLY A 528 2.92 -1.38 -13.75
C GLY A 528 3.12 -2.62 -12.87
N PHE A 529 2.02 -3.29 -12.59
CA PHE A 529 2.02 -4.50 -11.77
C PHE A 529 2.93 -5.57 -12.39
N LEU A 530 2.80 -5.70 -13.70
CA LEU A 530 3.56 -6.69 -14.45
C LEU A 530 5.03 -6.29 -14.53
N GLU A 531 5.30 -5.00 -14.72
CA GLU A 531 6.68 -4.53 -14.70
C GLU A 531 7.33 -4.81 -13.33
N SER A 532 6.51 -4.67 -12.28
CA SER A 532 6.99 -4.91 -10.92
C SER A 532 7.37 -6.36 -10.71
N GLN A 533 6.57 -7.28 -11.25
CA GLN A 533 6.87 -8.71 -11.17
C GLN A 533 8.20 -9.04 -11.81
N ALA A 534 8.36 -8.55 -13.03
CA ALA A 534 9.54 -8.79 -13.82
C ALA A 534 10.78 -8.16 -13.22
N THR A 535 10.61 -6.97 -12.67
CA THR A 535 11.72 -6.22 -12.10
C THR A 535 12.21 -6.84 -10.80
N ARG A 536 11.27 -7.33 -9.99
CA ARG A 536 11.63 -7.95 -8.74
C ARG A 536 12.42 -9.19 -9.05
N GLU A 537 11.89 -9.97 -10.00
CA GLU A 537 12.52 -11.19 -10.44
C GLU A 537 13.94 -10.91 -11.01
N ALA A 538 14.10 -9.79 -11.70
CA ALA A 538 15.40 -9.46 -12.26
C ALA A 538 16.39 -9.23 -11.14
N LEU A 539 15.91 -8.58 -10.09
CA LEU A 539 16.75 -8.33 -8.91
C LEU A 539 17.08 -9.61 -8.15
N VAL A 540 16.07 -10.43 -7.90
CA VAL A 540 16.24 -11.72 -7.22
C VAL A 540 17.18 -12.68 -7.97
N ARG A 541 17.12 -12.64 -9.29
CA ARG A 541 17.96 -13.48 -10.13
C ARG A 541 19.37 -12.92 -10.32
N THR A 542 19.64 -11.71 -9.86
CA THR A 542 21.00 -11.13 -9.95
C THR A 542 21.62 -10.79 -8.58
N SER A 543 20.92 -11.18 -7.51
CA SER A 543 21.42 -11.06 -6.12
C SER A 543 20.64 -11.96 -5.13
N ASN A 544 21.34 -12.46 -4.12
CA ASN A 544 20.69 -13.30 -3.07
C ASN A 544 20.06 -12.47 -1.98
N GLU A 545 20.40 -11.19 -1.95
CA GLU A 545 19.79 -10.23 -1.04
C GLU A 545 18.34 -10.01 -1.35
N ARG A 546 17.60 -9.74 -0.29
CA ARG A 546 16.18 -9.39 -0.40
C ARG A 546 16.08 -8.10 -1.21
N PRO A 547 15.27 -8.12 -2.24
CA PRO A 547 15.23 -6.98 -3.10
C PRO A 547 14.30 -5.87 -2.67
N PHE A 548 14.56 -4.74 -3.30
CA PHE A 548 13.82 -3.53 -3.04
C PHE A 548 13.48 -2.79 -4.31
N LEU A 549 12.18 -2.55 -4.39
CA LEU A 549 11.56 -2.04 -5.58
C LEU A 549 10.55 -0.96 -5.19
N LEU A 550 10.53 0.11 -5.98
CA LEU A 550 9.60 1.22 -5.79
C LEU A 550 8.87 1.43 -7.10
N SER A 551 7.55 1.36 -7.08
CA SER A 551 6.77 1.47 -8.31
C SER A 551 5.71 2.56 -8.25
N ARG A 552 5.53 3.28 -9.34
CA ARG A 552 4.53 4.34 -9.36
C ARG A 552 3.14 3.72 -9.61
N SER A 553 2.96 3.15 -10.78
CA SER A 553 1.71 2.52 -11.12
C SER A 553 1.61 1.19 -10.40
N THR A 554 0.40 0.86 -9.97
CA THR A 554 0.12 -0.33 -9.20
C THR A 554 -1.27 -0.88 -9.47
N PHE A 555 -1.45 -2.15 -9.14
CA PHE A 555 -2.76 -2.75 -9.13
C PHE A 555 -2.88 -3.62 -7.87
N ALA A 556 -4.11 -4.02 -7.55
CA ALA A 556 -4.33 -4.93 -6.45
C ALA A 556 -3.42 -6.16 -6.65
N GLY A 557 -2.57 -6.41 -5.65
CA GLY A 557 -1.56 -7.48 -5.68
C GLY A 557 -0.12 -6.96 -5.82
N SER A 558 0.02 -5.70 -6.20
CA SER A 558 1.33 -5.10 -6.47
C SER A 558 2.22 -5.15 -5.24
N GLY A 559 1.58 -5.12 -4.08
CA GLY A 559 2.28 -5.07 -2.80
C GLY A 559 3.11 -6.30 -2.55
N LYS A 560 2.81 -7.37 -3.27
CA LYS A 560 3.53 -8.63 -3.13
C LYS A 560 4.92 -8.51 -3.72
N TYR A 561 5.13 -7.44 -4.50
CA TYR A 561 6.35 -7.24 -5.28
C TYR A 561 7.07 -5.93 -4.97
N THR A 562 6.31 -4.91 -4.57
CA THR A 562 6.86 -3.57 -4.57
C THR A 562 6.33 -2.61 -3.54
N ALA A 563 7.21 -1.67 -3.20
CA ALA A 563 6.81 -0.45 -2.51
C ALA A 563 6.18 0.55 -3.48
N HIS A 564 5.47 1.54 -2.94
CA HIS A 564 4.88 2.61 -3.73
C HIS A 564 5.00 3.92 -3.00
N TRP A 565 5.07 5.02 -3.74
CA TRP A 565 5.03 6.35 -3.14
C TRP A 565 3.93 7.15 -3.82
N THR A 566 3.48 8.24 -3.20
CA THR A 566 2.24 8.92 -3.61
C THR A 566 2.37 9.65 -4.93
N GLY A 567 3.58 9.68 -5.44
CA GLY A 567 3.88 10.20 -6.77
C GLY A 567 4.17 11.67 -6.81
N ASP A 568 3.63 12.36 -7.82
CA ASP A 568 3.90 13.79 -8.00
C ASP A 568 2.95 14.60 -7.17
N ASN A 569 3.29 14.69 -5.90
CA ASN A 569 2.64 15.61 -4.99
C ASN A 569 3.26 17.02 -5.16
N ALA A 570 2.77 17.95 -4.36
CA ALA A 570 3.29 19.32 -4.36
C ALA A 570 3.72 19.78 -2.97
N ALA A 571 4.62 20.75 -3.01
CA ALA A 571 5.10 21.43 -1.83
C ALA A 571 3.97 22.38 -1.33
N ARG A 572 2.88 21.78 -0.89
CA ARG A 572 1.71 22.48 -0.39
C ARG A 572 1.28 21.85 0.93
N TRP A 573 0.79 22.69 1.83
CA TRP A 573 0.28 22.23 3.10
C TRP A 573 -0.84 21.22 2.93
N ASP A 574 -1.71 21.45 1.96
CA ASP A 574 -2.78 20.51 1.65
C ASP A 574 -2.21 19.09 1.46
N ASP A 575 -1.15 19.02 0.66
CA ASP A 575 -0.55 17.74 0.23
C ASP A 575 0.08 17.01 1.39
N LEU A 576 0.64 17.79 2.30
CA LEU A 576 1.22 17.27 3.52
C LEU A 576 0.18 16.39 4.22
N GLN A 577 -1.02 16.93 4.33
CA GLN A 577 -2.12 16.25 4.98
C GLN A 577 -2.63 15.10 4.15
N TYR A 578 -2.71 15.34 2.84
CA TYR A 578 -3.27 14.33 1.92
C TYR A 578 -2.46 13.03 2.03
N SER A 579 -1.18 13.12 2.42
CA SER A 579 -0.31 11.97 2.44
C SER A 579 -0.80 10.95 3.44
N ILE A 580 -1.53 11.42 4.43
CA ILE A 580 -1.97 10.51 5.49
C ILE A 580 -3.09 9.55 5.01
N PRO A 581 -4.17 10.06 4.40
CA PRO A 581 -5.16 9.15 3.87
C PRO A 581 -4.61 8.20 2.85
N THR A 582 -3.74 8.68 2.00
CA THR A 582 -3.17 7.85 0.95
C THR A 582 -2.36 6.75 1.59
N MET A 583 -1.45 7.14 2.49
CA MET A 583 -0.65 6.19 3.27
C MET A 583 -1.56 5.12 3.89
N LEU A 584 -2.66 5.53 4.48
CA LEU A 584 -3.54 4.60 5.19
C LEU A 584 -4.26 3.69 4.19
N ASN A 585 -4.66 4.29 3.07
CA ASN A 585 -5.36 3.55 2.04
C ASN A 585 -4.46 2.45 1.52
N PHE A 586 -3.19 2.75 1.25
CA PHE A 586 -2.29 1.75 0.67
C PHE A 586 -2.02 0.58 1.59
N GLY A 587 -2.09 0.83 2.90
CA GLY A 587 -2.13 -0.27 3.86
C GLY A 587 -3.31 -1.19 3.54
N LEU A 588 -4.49 -0.61 3.32
CA LEU A 588 -5.69 -1.40 3.06
C LEU A 588 -5.51 -2.20 1.80
N PHE A 589 -4.75 -1.63 0.87
CA PHE A 589 -4.53 -2.21 -0.46
C PHE A 589 -3.44 -3.28 -0.47
N GLY A 590 -2.93 -3.63 0.71
CA GLY A 590 -1.86 -4.63 0.82
C GLY A 590 -0.49 -4.09 0.40
N MET A 591 -0.36 -2.77 0.33
CA MET A 591 0.93 -2.13 0.00
C MET A 591 1.47 -1.26 1.15
N PRO A 592 1.95 -1.90 2.22
CA PRO A 592 2.27 -1.22 3.45
C PRO A 592 3.52 -0.40 3.37
N MET A 593 4.36 -0.68 2.40
CA MET A 593 5.58 0.08 2.19
C MET A 593 5.29 1.28 1.33
N ILE A 594 4.80 2.30 2.03
CA ILE A 594 4.20 3.48 1.40
C ILE A 594 4.74 4.77 1.99
N GLY A 595 4.75 5.82 1.18
CA GLY A 595 5.21 7.12 1.64
C GLY A 595 4.99 8.17 0.59
N ALA A 596 5.33 9.41 0.92
CA ALA A 596 5.15 10.53 0.01
C ALA A 596 6.47 11.34 -0.07
N ASP A 597 6.72 11.95 -1.21
CA ASP A 597 7.94 12.74 -1.37
C ASP A 597 8.01 13.85 -0.32
N ILE A 598 9.00 13.73 0.57
CA ILE A 598 9.11 14.65 1.71
C ILE A 598 9.53 16.05 1.30
N CYS A 599 8.77 17.01 1.81
CA CYS A 599 8.83 18.47 1.48
C CYS A 599 8.09 18.82 0.20
N GLY A 600 7.65 17.79 -0.53
CA GLY A 600 6.85 17.99 -1.73
C GLY A 600 7.63 17.94 -3.02
N PHE A 601 7.11 17.19 -3.98
CA PHE A 601 7.79 16.99 -5.26
C PHE A 601 7.75 18.27 -6.08
N ALA A 602 6.57 18.62 -6.53
CA ALA A 602 6.34 19.78 -7.39
C ALA A 602 6.32 21.05 -6.58
N GLU A 603 6.87 22.10 -7.17
CA GLU A 603 6.85 23.44 -6.57
C GLU A 603 7.95 23.59 -5.54
N SER A 604 8.43 24.80 -5.36
CA SER A 604 9.44 25.10 -4.33
C SER A 604 8.81 25.06 -2.97
N THR A 605 9.42 24.30 -2.06
CA THR A 605 8.93 24.19 -0.69
C THR A 605 9.35 25.42 0.14
N THR A 606 8.91 25.50 1.39
CA THR A 606 9.33 26.54 2.34
C THR A 606 9.95 25.91 3.56
N GLU A 607 10.71 26.70 4.31
CA GLU A 607 11.38 26.18 5.50
C GLU A 607 10.36 25.56 6.42
N GLU A 608 9.29 26.29 6.71
CA GLU A 608 8.33 25.84 7.68
C GLU A 608 7.64 24.55 7.19
N LEU A 609 7.25 24.54 5.92
CA LEU A 609 6.55 23.39 5.37
C LEU A 609 7.41 22.15 5.40
N CYS A 610 8.65 22.31 4.98
CA CYS A 610 9.62 21.22 4.92
C CYS A 610 9.88 20.70 6.33
N ARG A 611 9.99 21.62 7.29
CA ARG A 611 10.25 21.29 8.70
C ARG A 611 9.13 20.39 9.24
N ARG A 612 7.89 20.82 9.02
CA ARG A 612 6.73 20.02 9.42
C ARG A 612 6.61 18.74 8.61
N TRP A 613 7.13 18.75 7.39
CA TRP A 613 7.08 17.55 6.55
C TRP A 613 8.06 16.48 6.97
N ILE A 614 9.29 16.86 7.25
CA ILE A 614 10.26 15.87 7.71
C ILE A 614 9.81 15.27 9.04
N GLN A 615 9.16 16.09 9.86
CA GLN A 615 8.59 15.62 11.13
C GLN A 615 7.59 14.48 10.95
N LEU A 616 6.66 14.69 10.03
CA LEU A 616 5.62 13.71 9.72
C LEU A 616 6.22 12.53 9.00
N GLY A 617 7.06 12.87 8.01
CA GLY A 617 7.55 11.93 7.04
C GLY A 617 8.55 10.97 7.61
N ALA A 618 9.22 11.38 8.67
CA ALA A 618 10.18 10.53 9.36
C ALA A 618 9.49 9.31 9.97
N PHE A 619 8.17 9.27 9.87
CA PHE A 619 7.37 8.10 10.32
C PHE A 619 6.62 7.35 9.22
N TYR A 620 6.74 7.82 7.97
CA TYR A 620 6.25 7.04 6.83
C TYR A 620 7.04 5.74 6.79
N PRO A 621 6.37 4.59 6.55
CA PRO A 621 7.12 3.36 6.34
C PRO A 621 8.21 3.59 5.32
N PHE A 622 7.87 4.28 4.25
CA PHE A 622 8.83 4.67 3.23
C PHE A 622 9.18 6.17 3.28
N SER A 623 10.39 6.44 3.77
CA SER A 623 10.78 7.81 4.08
C SER A 623 11.86 8.33 3.14
N ARG A 624 11.41 9.15 2.19
CA ARG A 624 12.25 9.72 1.15
C ARG A 624 12.05 11.22 0.91
N ASP A 625 13.15 11.96 0.87
CA ASP A 625 13.14 13.34 0.41
C ASP A 625 13.38 13.36 -1.07
N HIS A 626 12.38 13.82 -1.83
CA HIS A 626 12.49 13.93 -3.29
C HIS A 626 11.86 15.21 -3.86
N SER A 627 12.45 15.69 -4.94
CA SER A 627 12.03 16.97 -5.47
C SER A 627 12.08 17.02 -6.98
N ALA A 628 11.24 17.91 -7.51
CA ALA A 628 11.20 18.14 -8.95
C ALA A 628 12.36 19.05 -9.33
N ARG A 629 12.72 19.05 -10.59
CA ARG A 629 13.95 19.76 -11.01
C ARG A 629 13.88 21.28 -11.09
N ASP A 630 12.70 21.83 -11.28
CA ASP A 630 12.56 23.28 -11.47
C ASP A 630 12.29 23.97 -10.14
N THR A 631 12.70 23.36 -9.05
CA THR A 631 12.42 23.94 -7.73
C THR A 631 13.70 24.26 -6.92
N THR A 632 13.57 25.08 -5.89
CA THR A 632 14.69 25.27 -4.98
C THR A 632 14.97 23.93 -4.32
N HIS A 633 16.24 23.78 -3.95
CA HIS A 633 16.73 22.54 -3.37
C HIS A 633 16.10 22.37 -2.01
N GLN A 634 15.86 21.12 -1.61
CA GLN A 634 15.21 20.83 -0.32
C GLN A 634 15.82 19.64 0.49
N GLU A 635 17.11 19.36 0.27
CA GLU A 635 17.87 18.49 1.16
C GLU A 635 17.74 19.05 2.59
N LEU A 636 17.74 18.14 3.54
CA LEU A 636 17.35 18.44 4.92
C LEU A 636 18.36 19.32 5.67
N TYR A 637 19.61 19.31 5.18
CA TYR A 637 20.70 20.12 5.78
C TYR A 637 20.69 21.61 5.40
N LEU A 638 19.79 22.00 4.50
CA LEU A 638 19.83 23.35 3.94
C LEU A 638 19.34 24.43 4.91
N TRP A 639 18.34 24.12 5.72
CA TRP A 639 17.89 25.01 6.80
C TRP A 639 18.24 24.44 8.18
N GLU A 640 18.79 25.26 9.07
CA GLU A 640 19.15 24.76 10.40
C GLU A 640 17.98 24.15 11.21
N SER A 641 16.83 24.83 11.19
CA SER A 641 15.66 24.37 11.94
C SER A 641 15.16 23.06 11.36
N VAL A 642 15.28 22.90 10.06
CA VAL A 642 14.86 21.65 9.43
C VAL A 642 15.82 20.53 9.87
N ALA A 643 17.11 20.79 9.74
CA ALA A 643 18.14 19.84 10.13
C ALA A 643 17.99 19.36 11.57
N ALA A 644 17.72 20.30 12.44
CA ALA A 644 17.57 20.00 13.86
C ALA A 644 16.37 19.07 14.08
N SER A 645 15.26 19.39 13.41
CA SER A 645 14.03 18.57 13.50
C SER A 645 14.32 17.17 13.02
N ALA A 646 15.03 17.13 11.91
CA ALA A 646 15.37 15.92 11.23
C ALA A 646 16.16 15.00 12.13
N ARG A 647 17.09 15.54 12.89
CA ARG A 647 17.97 14.73 13.74
C ARG A 647 17.15 14.13 14.86
N THR A 648 16.26 14.94 15.42
CA THR A 648 15.37 14.49 16.45
C THR A 648 14.41 13.41 15.92
N VAL A 649 13.71 13.71 14.83
CA VAL A 649 12.69 12.79 14.33
C VAL A 649 13.25 11.52 13.67
N LEU A 650 14.33 11.65 12.94
CA LEU A 650 15.00 10.46 12.35
C LEU A 650 15.63 9.65 13.45
N GLY A 651 16.09 10.36 14.49
CA GLY A 651 16.63 9.76 15.69
C GLY A 651 15.63 8.76 16.24
N LEU A 652 14.40 9.22 16.40
CA LEU A 652 13.35 8.35 16.94
C LEU A 652 13.03 7.22 15.96
N ARG A 653 12.94 7.57 14.68
CA ARG A 653 12.68 6.58 13.64
C ARG A 653 13.71 5.46 13.69
N TYR A 654 14.97 5.85 13.78
CA TYR A 654 16.03 4.86 13.78
C TYR A 654 16.02 4.03 15.06
N GLN A 655 15.70 4.67 16.17
CA GLN A 655 15.57 3.91 17.40
C GLN A 655 14.46 2.88 17.24
N LEU A 656 13.48 3.22 16.39
CA LEU A 656 12.28 2.40 16.12
C LEU A 656 12.45 1.39 14.98
N LEU A 657 13.67 1.33 14.47
CA LEU A 657 13.93 0.44 13.34
C LEU A 657 13.51 -1.00 13.60
N PRO A 658 13.90 -1.56 14.74
CA PRO A 658 13.53 -2.94 14.97
C PRO A 658 12.00 -3.16 15.01
N TYR A 659 11.30 -2.09 15.38
CA TYR A 659 9.85 -2.10 15.50
C TYR A 659 9.21 -2.05 14.12
N TYR A 660 9.69 -1.12 13.30
CA TYR A 660 9.20 -1.04 11.90
C TYR A 660 9.46 -2.33 11.17
N TYR A 661 10.61 -2.93 11.45
CA TYR A 661 10.98 -4.21 10.83
C TYR A 661 10.07 -5.31 11.31
N THR A 662 9.71 -5.28 12.59
CA THR A 662 8.72 -6.24 13.18
C THR A 662 7.37 -6.03 12.52
N LEU A 663 7.04 -4.78 12.26
CA LEU A 663 5.76 -4.47 11.69
C LEU A 663 5.71 -4.96 10.25
N MET A 664 6.83 -4.87 9.56
CA MET A 664 6.98 -5.39 8.19
C MET A 664 6.80 -6.88 8.18
N TYR A 665 7.39 -7.52 9.19
CA TYR A 665 7.16 -8.93 9.41
C TYR A 665 5.68 -9.26 9.61
N ASP A 666 5.00 -8.45 10.43
CA ASP A 666 3.58 -8.66 10.69
C ASP A 666 2.79 -8.55 9.40
N ALA A 667 3.20 -7.59 8.58
CA ALA A 667 2.51 -7.25 7.34
C ALA A 667 2.58 -8.40 6.37
N ASN A 668 3.74 -9.02 6.30
CA ASN A 668 3.92 -10.14 5.41
C ASN A 668 3.18 -11.37 5.89
N LEU A 669 3.07 -11.48 7.21
CA LEU A 669 2.44 -12.62 7.84
C LEU A 669 0.92 -12.57 7.71
N ARG A 670 0.36 -11.38 7.95
CA ARG A 670 -1.09 -11.21 8.17
C ARG A 670 -1.72 -10.09 7.35
N GLY A 671 -0.91 -9.39 6.56
CA GLY A 671 -1.39 -8.30 5.73
C GLY A 671 -1.67 -7.02 6.50
N ILE A 672 -1.35 -7.02 7.79
CA ILE A 672 -1.67 -5.87 8.63
C ILE A 672 -0.66 -4.74 8.32
N PRO A 673 -1.18 -3.55 8.00
CA PRO A 673 -0.33 -2.43 7.66
C PRO A 673 0.55 -1.92 8.78
N ILE A 674 1.65 -1.30 8.40
CA ILE A 674 2.66 -0.77 9.31
C ILE A 674 2.13 0.51 9.86
N ALA A 675 1.80 1.44 8.96
CA ALA A 675 1.09 2.66 9.31
C ALA A 675 -0.42 2.34 9.25
N ARG A 676 -1.08 2.33 10.41
CA ARG A 676 -2.49 1.95 10.45
C ARG A 676 -3.45 2.97 11.03
N PRO A 677 -4.73 2.82 10.69
CA PRO A 677 -5.72 3.75 11.24
C PRO A 677 -5.98 3.48 12.71
N LEU A 678 -6.39 4.55 13.38
CA LEU A 678 -6.67 4.51 14.78
C LEU A 678 -7.67 3.39 15.09
N PHE A 679 -8.62 3.21 14.17
CA PHE A 679 -9.67 2.24 14.38
C PHE A 679 -9.23 0.80 14.22
N PHE A 680 -7.99 0.57 13.82
CA PHE A 680 -7.48 -0.79 13.74
C PHE A 680 -7.27 -1.32 15.15
N THR A 681 -6.72 -0.45 16.02
CA THR A 681 -6.47 -0.77 17.42
C THR A 681 -7.71 -0.51 18.28
N PHE A 682 -8.49 0.52 17.90
CA PHE A 682 -9.68 0.95 18.64
C PHE A 682 -10.94 0.94 17.79
N PRO A 683 -11.29 -0.24 17.27
CA PRO A 683 -12.42 -0.30 16.38
C PRO A 683 -13.75 -0.01 17.08
N ASP A 684 -13.74 -0.11 18.40
CA ASP A 684 -14.99 0.03 19.14
C ASP A 684 -15.28 1.49 19.42
N ASP A 685 -14.42 2.37 18.89
CA ASP A 685 -14.48 3.80 19.15
C ASP A 685 -14.80 4.52 17.85
N VAL A 686 -16.08 4.81 17.66
CA VAL A 686 -16.53 5.32 16.36
C VAL A 686 -15.95 6.72 16.02
N ALA A 687 -15.49 7.43 17.03
CA ALA A 687 -14.87 8.74 16.83
C ALA A 687 -13.62 8.65 15.94
N THR A 688 -13.04 7.46 15.86
CA THR A 688 -11.78 7.27 15.16
C THR A 688 -11.99 7.04 13.66
N TYR A 689 -13.19 6.64 13.30
CA TYR A 689 -13.51 6.28 11.92
C TYR A 689 -13.24 7.46 11.01
N GLY A 690 -13.61 8.64 11.48
CA GLY A 690 -13.51 9.87 10.69
C GLY A 690 -12.21 10.62 10.77
N ILE A 691 -11.27 10.15 11.60
CA ILE A 691 -9.91 10.75 11.68
C ILE A 691 -9.13 10.57 10.40
N SER A 692 -8.59 11.66 9.88
CA SER A 692 -7.72 11.66 8.69
C SER A 692 -6.36 12.34 8.89
N SER A 693 -6.09 12.88 10.08
CA SER A 693 -4.83 13.59 10.30
C SER A 693 -4.01 13.04 11.45
N GLN A 694 -4.40 11.85 11.91
CA GLN A 694 -3.55 11.09 12.82
C GLN A 694 -3.46 9.63 12.41
N PHE A 695 -2.42 8.94 12.86
CA PHE A 695 -2.25 7.53 12.49
C PHE A 695 -1.37 6.78 13.47
N LEU A 696 -1.58 5.46 13.51
CA LEU A 696 -0.76 4.61 14.32
C LEU A 696 0.43 4.08 13.51
N ILE A 697 1.53 3.87 14.22
CA ILE A 697 2.59 3.01 13.73
C ILE A 697 2.54 1.76 14.60
N GLY A 698 2.06 0.69 14.00
CA GLY A 698 1.91 -0.55 14.72
C GLY A 698 0.71 -0.41 15.61
N ARG A 699 0.62 -1.22 16.66
CA ARG A 699 -0.60 -1.34 17.47
C ARG A 699 -0.89 -0.09 18.30
N GLY A 700 0.11 0.43 19.00
CA GLY A 700 -0.13 1.43 20.05
C GLY A 700 0.76 2.68 20.09
N ILE A 701 1.45 2.98 19.00
CA ILE A 701 2.10 4.27 18.86
C ILE A 701 1.30 5.15 17.91
N MET A 702 1.07 6.38 18.34
CA MET A 702 0.28 7.31 17.55
C MET A 702 1.09 8.56 17.20
N VAL A 703 1.02 8.93 15.93
CA VAL A 703 1.62 10.16 15.42
C VAL A 703 0.52 11.21 15.17
N SER A 704 0.74 12.42 15.64
CA SER A 704 -0.26 13.44 15.59
C SER A 704 0.39 14.72 15.10
N PRO A 705 0.47 14.87 13.77
CA PRO A 705 1.22 15.96 13.21
C PRO A 705 0.49 17.27 13.17
N VAL A 706 1.26 18.34 13.23
CA VAL A 706 0.80 19.68 12.91
C VAL A 706 0.76 19.72 11.39
N LEU A 707 -0.37 20.18 10.86
CA LEU A 707 -0.57 20.23 9.41
C LEU A 707 -1.01 21.61 8.98
N GLN A 708 -0.67 22.62 9.77
CA GLN A 708 -1.06 23.99 9.46
C GLN A 708 0.11 24.91 9.60
N PRO A 709 0.20 25.90 8.73
CA PRO A 709 1.26 26.89 8.89
C PRO A 709 1.01 27.79 10.06
N GLY A 710 2.10 28.21 10.71
CA GLY A 710 2.05 29.09 11.86
C GLY A 710 1.54 28.41 13.12
N ALA A 711 1.14 27.16 13.04
CA ALA A 711 0.60 26.51 14.24
C ALA A 711 1.72 26.00 15.13
N VAL A 712 1.55 26.23 16.42
CA VAL A 712 2.49 25.73 17.42
C VAL A 712 1.72 24.93 18.45
N SER A 713 0.57 24.44 17.98
CA SER A 713 -0.22 23.46 18.69
C SER A 713 -1.09 22.73 17.70
N VAL A 714 -1.66 21.62 18.16
CA VAL A 714 -2.48 20.75 17.32
C VAL A 714 -3.55 20.00 18.07
N ASN A 715 -4.72 19.99 17.45
CA ASN A 715 -5.88 19.47 18.10
C ASN A 715 -6.04 18.03 17.70
N ALA A 716 -5.76 17.14 18.66
CA ALA A 716 -5.55 15.74 18.35
C ALA A 716 -6.43 14.85 19.17
N TYR A 717 -7.06 13.88 18.50
CA TYR A 717 -7.92 12.93 19.18
C TYR A 717 -7.11 11.86 19.89
N PHE A 718 -7.45 11.61 21.16
CA PHE A 718 -6.85 10.52 21.95
C PHE A 718 -7.90 9.52 22.40
N PRO A 719 -7.76 8.26 21.96
CA PRO A 719 -8.57 7.21 22.48
C PRO A 719 -8.37 6.99 23.96
N ARG A 720 -9.35 6.34 24.59
CA ARG A 720 -9.34 6.07 26.02
C ARG A 720 -8.02 5.52 26.50
N GLY A 721 -7.49 6.23 27.50
CA GLY A 721 -6.45 5.71 28.35
C GLY A 721 -5.30 6.66 28.55
N ASN A 722 -4.17 6.06 28.87
CA ASN A 722 -2.96 6.78 29.14
C ASN A 722 -2.00 6.69 27.97
N TRP A 723 -1.50 7.84 27.57
CA TRP A 723 -0.59 7.97 26.46
C TRP A 723 0.67 8.75 26.84
N PHE A 724 1.82 8.24 26.45
CA PHE A 724 3.10 8.81 26.84
C PHE A 724 3.91 9.21 25.67
N SER A 725 4.42 10.44 25.72
CA SER A 725 5.31 10.94 24.67
C SER A 725 6.59 10.08 24.55
N LEU A 726 6.81 9.55 23.36
CA LEU A 726 8.09 8.94 23.03
C LEU A 726 9.28 9.94 22.99
N PHE A 727 9.02 11.25 22.99
CA PHE A 727 10.14 12.24 23.04
C PHE A 727 10.46 12.74 24.44
N ASN A 728 9.57 12.47 25.39
CA ASN A 728 9.72 12.96 26.76
C ASN A 728 8.74 12.17 27.60
N TYR A 729 9.25 11.13 28.23
CA TYR A 729 8.37 10.16 28.95
C TYR A 729 7.58 10.81 30.11
N THR A 730 8.05 11.96 30.60
CA THR A 730 7.34 12.66 31.68
C THR A 730 6.11 13.37 31.14
N SER A 731 6.05 13.59 29.83
CA SER A 731 4.82 14.11 29.19
C SER A 731 3.82 13.03 28.87
N SER A 732 2.63 13.21 29.39
CA SER A 732 1.61 12.25 29.10
C SER A 732 0.25 12.87 28.92
N VAL A 733 -0.64 12.08 28.39
CA VAL A 733 -2.00 12.47 28.21
C VAL A 733 -2.86 11.35 28.82
N SER A 734 -3.79 11.77 29.66
CA SER A 734 -4.68 10.84 30.32
C SER A 734 -6.07 11.29 30.07
N VAL A 735 -6.84 10.44 29.41
CA VAL A 735 -8.25 10.70 29.16
C VAL A 735 -9.11 9.53 29.60
N SER A 736 -10.13 9.79 30.41
CA SER A 736 -10.99 8.71 30.94
C SER A 736 -11.89 8.22 29.84
N ALA A 737 -12.32 9.13 28.98
CA ALA A 737 -13.04 8.77 27.72
C ALA A 737 -12.36 9.45 26.53
N GLY A 738 -12.50 8.87 25.36
CA GLY A 738 -11.81 9.36 24.18
C GLY A 738 -12.16 10.79 23.91
N THR A 739 -11.17 11.62 23.60
CA THR A 739 -11.43 13.00 23.27
C THR A 739 -10.28 13.79 22.66
N TYR A 740 -10.58 15.00 22.19
CA TYR A 740 -9.55 15.87 21.64
C TYR A 740 -8.76 16.53 22.74
N VAL A 741 -7.50 16.72 22.46
CA VAL A 741 -6.60 17.43 23.32
C VAL A 741 -5.79 18.38 22.46
N SER A 742 -5.65 19.62 22.90
CA SER A 742 -4.83 20.61 22.20
C SER A 742 -3.38 20.48 22.62
N LEU A 743 -2.70 19.59 21.91
CA LEU A 743 -1.31 19.28 22.21
C LEU A 743 -0.43 20.43 21.84
N SER A 744 0.54 20.68 22.69
CA SER A 744 1.55 21.67 22.37
C SER A 744 2.42 21.10 21.29
N ALA A 745 2.72 21.92 20.30
CA ALA A 745 3.56 21.50 19.19
C ALA A 745 4.52 22.59 18.68
N PRO A 746 5.59 22.89 19.42
CA PRO A 746 6.55 23.93 19.00
C PRO A 746 7.20 23.59 17.68
N PRO A 747 7.84 24.58 17.05
CA PRO A 747 8.32 24.44 15.69
C PRO A 747 9.15 23.22 15.46
N ASP A 748 9.93 22.85 16.45
CA ASP A 748 10.85 21.72 16.27
C ASP A 748 10.28 20.40 16.72
N HIS A 749 9.07 20.42 17.24
CA HIS A 749 8.52 19.28 17.93
C HIS A 749 7.41 18.65 17.10
N ILE A 750 7.33 17.32 17.14
CA ILE A 750 6.19 16.57 16.59
C ILE A 750 5.67 15.61 17.64
N ASN A 751 4.34 15.56 17.78
CA ASN A 751 3.73 14.75 18.83
C ASN A 751 3.62 13.29 18.44
N VAL A 752 4.32 12.48 19.22
CA VAL A 752 4.28 11.06 19.05
C VAL A 752 4.12 10.45 20.41
N HIS A 753 3.07 9.65 20.57
CA HIS A 753 2.73 9.07 21.87
C HIS A 753 2.56 7.57 21.79
N ILE A 754 2.86 6.91 22.91
CA ILE A 754 2.58 5.47 23.06
C ILE A 754 1.48 5.16 24.09
N HIS A 755 0.67 4.19 23.75
CA HIS A 755 -0.49 3.84 24.55
C HIS A 755 -0.09 2.80 25.53
N GLU A 756 -0.77 2.85 26.67
CA GLU A 756 -0.68 1.79 27.69
C GLU A 756 -1.05 0.46 27.14
N GLY A 757 -0.40 -0.55 27.69
CA GLY A 757 -0.64 -1.93 27.31
C GLY A 757 0.36 -2.44 26.30
N ASN A 758 1.37 -1.64 26.01
CA ASN A 758 2.34 -1.97 24.95
C ASN A 758 3.82 -1.97 25.36
N ILE A 759 4.51 -2.92 24.76
CA ILE A 759 5.93 -3.04 24.86
C ILE A 759 6.55 -2.92 23.48
N VAL A 760 7.53 -2.02 23.38
CA VAL A 760 8.30 -1.83 22.16
C VAL A 760 9.77 -1.96 22.45
N ALA A 761 10.40 -2.82 21.68
CA ALA A 761 11.83 -2.99 21.72
C ALA A 761 12.53 -1.99 20.76
N MET A 762 13.37 -1.15 21.35
CA MET A 762 14.13 -0.11 20.64
C MET A 762 15.59 -0.51 20.52
N GLN A 763 16.26 0.10 19.55
CA GLN A 763 17.73 0.12 19.52
C GLN A 763 18.21 1.54 19.40
N GLY A 764 19.51 1.71 19.29
CA GLY A 764 20.11 3.02 19.39
C GLY A 764 20.15 3.77 18.09
N GLU A 765 20.34 5.06 18.21
CA GLU A 765 20.58 5.92 17.04
C GLU A 765 21.89 5.58 16.38
N ALA A 766 21.98 5.86 15.09
CA ALA A 766 23.21 5.60 14.33
C ALA A 766 23.14 6.27 12.93
N MET A 767 24.29 6.48 12.27
CA MET A 767 24.31 7.14 10.95
C MET A 767 23.87 6.20 9.80
N THR A 768 23.89 4.89 10.07
CA THR A 768 23.43 3.85 9.15
C THR A 768 22.64 2.72 9.82
N THR A 769 21.80 2.05 9.08
CA THR A 769 20.98 0.98 9.68
C THR A 769 21.84 -0.21 10.10
N GLN A 770 22.91 -0.43 9.36
CA GLN A 770 23.90 -1.46 9.66
C GLN A 770 24.39 -1.24 11.08
N ALA A 771 24.81 -0.01 11.34
CA ALA A 771 25.44 0.37 12.60
C ALA A 771 24.41 0.22 13.71
N ALA A 772 23.19 0.65 13.37
CA ALA A 772 22.07 0.65 14.30
C ALA A 772 21.77 -0.74 14.84
N ARG A 773 21.86 -1.76 13.96
CA ARG A 773 21.56 -3.15 14.30
C ARG A 773 22.53 -3.71 15.35
N SER A 774 23.69 -3.09 15.48
CA SER A 774 24.71 -3.57 16.42
C SER A 774 24.74 -2.78 17.76
N THR A 775 23.80 -1.86 17.93
CA THR A 775 23.63 -1.13 19.19
C THR A 775 22.80 -1.93 20.22
N PRO A 776 22.87 -1.54 21.49
CA PRO A 776 22.07 -2.29 22.45
C PRO A 776 20.58 -1.98 22.37
N PHE A 777 19.81 -2.99 22.78
CA PHE A 777 18.37 -2.89 22.83
C PHE A 777 17.91 -2.24 24.10
N HIS A 778 16.97 -1.31 23.96
CA HIS A 778 16.31 -0.69 25.11
C HIS A 778 14.84 -1.09 25.03
N LEU A 779 14.37 -1.73 26.07
CA LEU A 779 12.98 -2.15 26.14
C LEU A 779 12.13 -1.08 26.79
N LEU A 780 11.04 -0.73 26.12
CA LEU A 780 10.12 0.28 26.60
C LEU A 780 8.81 -0.40 26.93
N VAL A 781 8.55 -0.45 28.24
CA VAL A 781 7.37 -1.14 28.79
C VAL A 781 6.38 -0.14 29.36
N VAL A 782 5.25 0.01 28.69
CA VAL A 782 4.13 0.89 29.13
C VAL A 782 2.98 0.14 29.83
N MET A 783 2.90 0.34 31.15
CA MET A 783 1.99 -0.42 32.00
C MET A 783 0.56 0.05 31.89
N SER A 784 -0.34 -0.91 32.04
CA SER A 784 -1.79 -0.62 32.04
C SER A 784 -2.47 -1.23 33.27
N ASP A 785 -3.37 -0.41 33.82
CA ASP A 785 -4.23 -0.83 34.91
C ASP A 785 -5.28 -1.86 34.50
N HIS A 786 -5.57 -1.94 33.22
CA HIS A 786 -6.73 -2.69 32.72
C HIS A 786 -6.39 -4.07 32.13
N VAL A 787 -5.12 -4.21 31.71
CA VAL A 787 -4.65 -5.39 30.98
C VAL A 787 -3.12 -5.51 31.02
N ALA A 788 -2.62 -6.73 30.80
CA ALA A 788 -1.20 -6.96 30.73
C ALA A 788 -0.62 -6.24 29.53
N SER A 789 0.61 -5.72 29.67
CA SER A 789 1.34 -5.17 28.52
C SER A 789 2.05 -6.24 27.70
N THR A 790 1.92 -6.15 26.38
CA THR A 790 2.60 -7.08 25.50
C THR A 790 3.33 -6.38 24.37
N GLY A 791 4.26 -7.11 23.76
CA GLY A 791 5.04 -6.62 22.65
C GLY A 791 5.81 -7.73 21.96
N GLU A 792 6.40 -7.40 20.83
CA GLU A 792 6.90 -8.41 19.92
C GLU A 792 8.08 -7.83 19.11
N LEU A 793 9.04 -8.69 18.83
CA LEU A 793 10.29 -8.27 18.19
C LEU A 793 10.76 -9.35 17.25
N PHE A 794 10.79 -8.99 15.98
CA PHE A 794 11.19 -9.94 14.96
C PHE A 794 12.61 -9.63 14.51
N LEU A 795 13.43 -10.69 14.53
CA LEU A 795 14.86 -10.60 14.17
C LEU A 795 15.24 -11.67 13.13
N ASP A 796 16.08 -11.27 12.17
CA ASP A 796 16.64 -12.15 11.14
C ASP A 796 17.95 -11.61 10.45
N ASN A 797 18.52 -12.45 9.61
CA ASN A 797 19.75 -12.16 8.90
C ASN A 797 19.59 -11.08 7.82
N GLY A 798 18.34 -10.82 7.49
CA GLY A 798 17.98 -9.68 6.68
C GLY A 798 18.03 -9.97 5.19
N ILE A 799 18.19 -11.24 4.81
CA ILE A 799 18.21 -11.65 3.41
C ILE A 799 17.27 -12.78 3.08
N GLU A 800 16.84 -13.54 4.09
CA GLU A 800 15.98 -14.68 3.83
C GLU A 800 14.94 -14.14 2.90
N MET A 801 14.90 -14.70 1.70
CA MET A 801 13.93 -14.24 0.69
C MET A 801 12.56 -14.50 1.27
N ASP A 802 12.43 -15.67 1.88
CA ASP A 802 11.18 -16.09 2.49
C ASP A 802 11.14 -15.84 3.98
N ILE A 803 10.57 -14.71 4.36
CA ILE A 803 10.62 -14.22 5.74
C ILE A 803 9.87 -15.17 6.66
N GLY A 804 10.41 -15.36 7.86
CA GLY A 804 9.75 -16.15 8.89
C GLY A 804 9.40 -17.55 8.44
N GLY A 805 10.12 -18.03 7.43
CA GLY A 805 9.82 -19.31 6.81
C GLY A 805 10.29 -20.50 7.61
N PRO A 806 10.09 -21.72 7.09
CA PRO A 806 10.60 -22.91 7.76
C PRO A 806 12.13 -23.00 7.64
N GLY A 807 12.69 -22.30 6.65
CA GLY A 807 14.13 -22.07 6.50
C GLY A 807 14.83 -21.65 7.81
N GLY A 808 14.09 -20.94 8.66
CA GLY A 808 14.40 -20.80 10.09
C GLY A 808 15.44 -19.80 10.50
N LYS A 809 15.84 -18.91 9.59
CA LYS A 809 16.91 -17.97 9.94
C LYS A 809 16.33 -16.73 10.55
N TRP A 810 15.49 -16.95 11.54
CA TRP A 810 14.79 -15.89 12.23
C TRP A 810 14.34 -16.31 13.64
N THR A 811 14.09 -15.27 14.41
CA THR A 811 13.55 -15.43 15.74
C THR A 811 12.41 -14.44 15.92
N LEU A 812 11.39 -14.90 16.62
CA LEU A 812 10.35 -14.01 17.15
C LEU A 812 10.37 -13.98 18.69
N VAL A 813 10.73 -12.83 19.24
CA VAL A 813 10.70 -12.64 20.69
C VAL A 813 9.42 -11.92 21.10
N ARG A 814 8.73 -12.52 22.06
CA ARG A 814 7.55 -11.95 22.67
C ARG A 814 7.87 -11.46 24.06
N PHE A 815 7.49 -10.22 24.33
CA PHE A 815 7.56 -9.65 25.64
C PHE A 815 6.17 -9.58 26.32
N PHE A 816 6.23 -9.75 27.64
CA PHE A 816 5.07 -9.63 28.54
C PHE A 816 5.42 -8.82 29.81
N ALA A 817 4.45 -8.06 30.29
CA ALA A 817 4.61 -7.33 31.54
C ALA A 817 3.27 -7.20 32.29
N GLU A 818 3.27 -7.62 33.56
CA GLU A 818 2.10 -7.38 34.41
C GLU A 818 2.39 -7.11 35.87
N SER A 819 1.56 -6.20 36.41
CA SER A 819 1.64 -5.76 37.79
C SER A 819 0.85 -6.67 38.71
N GLY A 820 1.53 -7.09 39.77
CA GLY A 820 0.88 -7.59 40.98
C GLY A 820 0.57 -6.40 41.89
N ILE A 821 -0.06 -6.66 43.03
CA ILE A 821 -0.34 -5.59 43.96
C ILE A 821 0.96 -5.05 44.62
N ASN A 822 1.94 -5.93 44.84
CA ASN A 822 3.23 -5.54 45.44
C ASN A 822 4.45 -5.86 44.60
N ASN A 823 4.26 -6.53 43.48
CA ASN A 823 5.39 -6.83 42.59
C ASN A 823 5.06 -6.60 41.08
N LEU A 824 6.06 -6.80 40.22
CA LEU A 824 5.99 -6.49 38.78
C LEU A 824 6.91 -7.44 38.00
N THR A 825 6.31 -8.17 37.07
CA THR A 825 7.08 -9.14 36.32
C THR A 825 7.16 -8.78 34.87
N ILE A 826 8.39 -8.71 34.39
CA ILE A 826 8.68 -8.51 32.99
C ILE A 826 9.37 -9.75 32.47
N SER A 827 8.80 -10.30 31.42
CA SER A 827 9.31 -11.55 30.88
C SER A 827 9.27 -11.65 29.36
N SER A 828 9.97 -12.67 28.86
CA SER A 828 10.05 -12.90 27.44
C SER A 828 9.97 -14.35 27.09
N GLU A 829 9.39 -14.60 25.92
CA GLU A 829 9.33 -15.93 25.32
C GLU A 829 9.99 -15.88 23.95
N VAL A 830 10.73 -16.93 23.64
CA VAL A 830 11.43 -16.96 22.39
C VAL A 830 11.02 -18.12 21.47
N VAL A 831 10.70 -17.77 20.23
CA VAL A 831 10.45 -18.75 19.16
C VAL A 831 11.64 -18.82 18.20
N ASN A 832 11.97 -20.02 17.75
CA ASN A 832 13.15 -20.28 16.93
C ASN A 832 14.42 -19.97 17.71
N ARG A 833 14.51 -20.60 18.88
CA ARG A 833 15.67 -20.46 19.78
C ARG A 833 16.91 -20.86 19.03
N GLY A 834 16.76 -21.87 18.17
CA GLY A 834 17.81 -22.24 17.24
C GLY A 834 18.55 -20.98 16.77
N TYR A 835 17.86 -20.17 15.98
CA TYR A 835 18.46 -18.96 15.42
C TYR A 835 18.72 -17.92 16.49
N ALA A 836 17.94 -17.97 17.57
CA ALA A 836 18.00 -16.96 18.61
C ALA A 836 19.27 -17.10 19.42
N MET A 837 19.58 -18.36 19.74
CA MET A 837 20.75 -18.69 20.55
C MET A 837 22.08 -18.41 19.80
N SER A 838 21.95 -18.03 18.53
CA SER A 838 23.07 -17.87 17.59
C SER A 838 23.44 -16.41 17.44
N GLN A 839 22.60 -15.58 18.03
CA GLN A 839 22.73 -14.19 17.84
C GLN A 839 23.10 -13.49 19.12
N ARG A 840 23.97 -12.48 18.97
CA ARG A 840 24.57 -11.74 20.07
C ARG A 840 23.85 -10.47 20.42
N TRP A 841 22.52 -10.45 20.28
CA TRP A 841 21.76 -9.24 20.63
C TRP A 841 21.63 -9.10 22.13
N VAL A 842 21.83 -7.88 22.60
CA VAL A 842 21.77 -7.56 24.03
C VAL A 842 20.80 -6.42 24.39
N MET A 843 19.94 -6.74 25.36
CA MET A 843 19.12 -5.77 26.08
C MET A 843 19.86 -5.20 27.33
N ASP A 844 20.27 -3.93 27.28
CA ASP A 844 20.98 -3.32 28.43
C ASP A 844 20.15 -2.33 29.23
N LYS A 845 18.90 -2.10 28.82
CA LYS A 845 18.06 -1.13 29.54
C LYS A 845 16.59 -1.41 29.40
N ILE A 846 15.88 -1.26 30.51
CA ILE A 846 14.43 -1.28 30.49
C ILE A 846 13.89 -0.01 31.08
N THR A 847 12.97 0.62 30.37
CA THR A 847 12.21 1.72 30.94
C THR A 847 10.75 1.36 31.15
N ILE A 848 10.27 1.68 32.36
CA ILE A 848 8.87 1.35 32.73
C ILE A 848 8.01 2.59 32.91
N LEU A 849 7.03 2.72 32.02
CA LEU A 849 6.06 3.79 32.04
C LEU A 849 4.68 3.31 32.51
N GLY A 850 3.82 4.27 32.82
CA GLY A 850 2.40 4.02 33.14
C GLY A 850 2.02 3.72 34.58
N LEU A 851 3.01 3.70 35.48
CA LEU A 851 2.76 3.49 36.90
C LEU A 851 2.85 4.76 37.71
N LYS A 852 2.14 4.81 38.81
CA LYS A 852 2.22 5.96 39.71
C LYS A 852 3.14 5.68 40.90
N ARG A 853 3.76 4.51 40.95
CA ARG A 853 4.86 4.27 41.88
C ARG A 853 6.09 3.60 41.27
N ARG A 854 7.21 3.86 41.90
CA ARG A 854 8.50 3.43 41.38
C ARG A 854 8.74 1.97 41.68
N VAL A 855 9.45 1.31 40.78
CA VAL A 855 9.86 -0.07 40.96
C VAL A 855 11.39 -0.18 40.91
N ARG A 856 11.89 -1.25 41.54
CA ARG A 856 13.29 -1.58 41.57
C ARG A 856 13.49 -3.08 41.47
N ILE A 857 14.71 -3.45 41.08
CA ILE A 857 15.16 -4.84 41.19
C ILE A 857 15.20 -5.25 42.67
N LYS A 858 14.91 -6.53 42.92
CA LYS A 858 14.70 -7.02 44.29
C LYS A 858 15.68 -6.50 45.38
N GLY A 885 0.21 11.57 39.90
CA GLY A 885 1.25 11.85 38.92
C GLY A 885 2.00 10.59 38.54
N PHE A 886 2.31 10.45 37.24
CA PHE A 886 3.00 9.24 36.76
C PHE A 886 4.50 9.32 37.02
N VAL A 887 5.09 8.16 37.28
CA VAL A 887 6.56 8.05 37.33
C VAL A 887 7.18 7.11 36.30
N VAL A 888 8.45 7.44 36.04
CA VAL A 888 9.35 6.71 35.15
C VAL A 888 10.43 5.94 35.93
N SER A 889 10.41 4.61 35.84
CA SER A 889 11.44 3.76 36.42
C SER A 889 12.38 3.26 35.34
N VAL A 890 13.69 3.31 35.59
CA VAL A 890 14.72 2.83 34.63
C VAL A 890 15.72 1.82 35.18
N ILE A 891 15.67 0.62 34.62
CA ILE A 891 16.57 -0.47 35.02
C ILE A 891 17.77 -0.57 34.08
N SER A 892 18.95 -0.22 34.63
CA SER A 892 20.19 -0.10 33.83
C SER A 892 21.22 -1.23 34.07
N ASP A 893 22.24 -1.27 33.21
CA ASP A 893 23.32 -2.27 33.24
C ASP A 893 22.85 -3.75 33.22
N LEU A 894 21.96 -4.11 32.32
CA LEU A 894 21.33 -5.44 32.38
C LEU A 894 22.12 -6.53 31.73
N ARG A 895 22.73 -6.23 30.61
CA ARG A 895 23.61 -7.21 29.95
C ARG A 895 22.92 -8.52 29.58
N GLN A 896 21.61 -8.44 29.41
CA GLN A 896 20.78 -9.58 28.99
C GLN A 896 20.75 -9.85 27.48
N LEU A 897 21.10 -11.08 27.10
CA LEU A 897 20.88 -11.56 25.71
C LEU A 897 19.41 -11.63 25.36
N VAL A 898 19.03 -10.93 24.30
CA VAL A 898 17.67 -10.89 23.79
C VAL A 898 17.19 -12.29 23.41
N GLY A 899 18.07 -13.06 22.78
CA GLY A 899 17.78 -14.42 22.34
C GLY A 899 17.56 -15.42 23.46
N GLN A 900 17.91 -15.03 24.67
CA GLN A 900 17.66 -15.81 25.86
C GLN A 900 16.43 -15.36 26.62
N ALA A 901 15.41 -16.23 26.64
CA ALA A 901 14.18 -15.99 27.42
C ALA A 901 14.53 -15.60 28.85
N PHE A 902 13.92 -14.52 29.32
CA PHE A 902 14.07 -14.03 30.69
C PHE A 902 12.75 -13.79 31.47
N LYS A 903 12.91 -13.74 32.79
CA LYS A 903 11.84 -13.39 33.73
C LYS A 903 12.48 -12.54 34.80
N LEU A 904 12.11 -11.27 34.81
CA LEU A 904 12.71 -10.29 35.69
C LEU A 904 11.68 -9.81 36.70
N GLU A 905 11.98 -10.08 37.97
CA GLU A 905 11.11 -9.73 39.08
C GLU A 905 11.49 -8.41 39.71
N LEU A 906 10.51 -7.49 39.72
CA LEU A 906 10.69 -6.18 40.32
C LEU A 906 9.72 -5.99 41.46
N GLU A 907 10.05 -5.07 42.37
CA GLU A 907 9.24 -4.76 43.54
C GLU A 907 8.95 -3.25 43.58
N PHE A 908 7.85 -2.87 44.21
CA PHE A 908 7.56 -1.45 44.37
C PHE A 908 8.28 -0.81 45.54
N GLU A 909 8.42 0.52 45.47
CA GLU A 909 8.98 1.32 46.54
C GLU A 909 7.86 2.01 47.31
C1 NAG B . 19.54 9.00 -29.69
C2 NAG B . 18.68 10.26 -29.52
C3 NAG B . 19.49 11.53 -29.66
C4 NAG B . 20.78 11.47 -28.86
C5 NAG B . 21.54 10.21 -29.22
C6 NAG B . 22.85 10.11 -28.45
C7 NAG B . 16.35 9.98 -30.23
C8 NAG B . 15.48 9.64 -31.41
N2 NAG B . 17.65 10.01 -30.51
O3 NAG B . 18.73 12.59 -29.16
O4 NAG B . 21.62 12.54 -29.21
O5 NAG B . 20.75 9.09 -28.94
O6 NAG B . 22.66 9.48 -27.21
O7 NAG B . 15.83 10.31 -29.14
C1 FUC B . 18.00 13.25 -30.19
C2 FUC B . 16.71 13.76 -29.56
C3 FUC B . 17.04 14.86 -28.56
C4 FUC B . 17.93 15.92 -29.18
C5 FUC B . 19.18 15.26 -29.75
C6 FUC B . 20.12 16.32 -30.31
O2 FUC B . 16.04 12.70 -28.90
O3 FUC B . 15.91 15.50 -28.07
O4 FUC B . 17.24 16.62 -30.20
O5 FUC B . 18.79 14.31 -30.73
C1 NAG B . 21.93 13.40 -28.12
C2 NAG B . 23.21 14.25 -28.28
C3 NAG B . 23.56 15.00 -27.03
C4 NAG B . 22.31 15.70 -26.49
C5 NAG B . 21.29 14.60 -26.15
C6 NAG B . 20.05 15.17 -25.41
C7 NAG B . 24.42 13.19 -30.08
C8 NAG B . 25.49 12.22 -30.42
N2 NAG B . 24.23 13.37 -28.77
O3 NAG B . 24.52 15.94 -27.39
O4 NAG B . 22.63 16.51 -25.38
O5 NAG B . 20.88 13.89 -27.31
O6 NAG B . 19.09 14.17 -25.13
O7 NAG B . 23.78 13.77 -30.97
C1 NAG C . 9.91 17.24 29.40
C2 NAG C . 10.47 18.65 29.44
C3 NAG C . 10.50 19.23 30.87
C4 NAG C . 9.02 19.28 31.31
C5 NAG C . 8.58 17.80 31.37
C6 NAG C . 7.19 17.55 31.96
C7 NAG C . 12.84 17.91 28.97
C8 NAG C . 12.99 16.76 29.95
N2 NAG C . 11.76 18.68 28.78
O3 NAG C . 11.24 20.44 30.99
O4 NAG C . 8.84 19.99 32.52
O5 NAG C . 8.64 17.30 30.04
O6 NAG C . 6.21 18.05 31.10
O7 NAG C . 13.80 18.16 28.25
S SO4 D . 21.59 -3.12 6.36
O1 SO4 D . 21.54 -2.83 7.82
O2 SO4 D . 22.16 -1.96 5.62
O3 SO4 D . 22.47 -4.28 6.04
O4 SO4 D . 20.20 -3.46 5.99
S SO4 E . -0.47 -6.57 16.07
O1 SO4 E . -1.29 -5.69 16.94
O2 SO4 E . 0.70 -5.85 15.47
O3 SO4 E . -0.04 -7.76 16.83
O4 SO4 E . -1.34 -7.01 14.96
#